data_3OY7
#
_entry.id   3OY7
#
_cell.length_a   154.248
_cell.length_b   243.189
_cell.length_c   67.402
_cell.angle_alpha   90.00
_cell.angle_beta   90.00
_cell.angle_gamma   90.00
#
_symmetry.space_group_name_H-M   'C 2 2 21'
#
loop_
_entity.id
_entity.type
_entity.pdbx_description
1 polymer 'Glycosyltransferase B736L'
2 non-polymer "GUANOSINE-5'-DIPHOSPHATE-ALPHA-D-MANNOSE"
3 water water
#
_entity_poly.entity_id   1
_entity_poly.type   'polypeptide(L)'
_entity_poly.pdbx_seq_one_letter_code
;MKLIIVGAHSSVPSGYGRVMRAIVPRISKAHEVIVFGIHAFGRSVHANIEEFDAQTAEHVRGLNEQGFYYSGLSEFIDVH
KPDIVMIYNDPIVIGNYLLAMGKCSHRTKIVLYVDLVSKNIRENLWWIFSHPKVVGVMAMSKCWISDICNYGCKVPINIV
SHFVDTKTIYDARKLVGLSEYNDDVLFLNMNRNTARKRLDIYVLAAARFISKYPDAKVRFLCNSHHESKFDLHSIALREL
VASGVDNVFTHLNKIMINRTVLTDERVDMMYNACDVIVNCSSGEGFGLCSAEGAVLGKPLIISAVGGADDYFSGDCVYKI
KPSAWISVDDRDGIGGIEGIIDVDDLVEAFTFFKDEKNRKEYGKRVQDFVKTKPTWDDISSDIIDFFNSLLRVESRETPG
NEEHPLEHHHHHH
;
_entity_poly.pdbx_strand_id   A,B
#
loop_
_chem_comp.id
_chem_comp.type
_chem_comp.name
_chem_comp.formula
GDD non-polymer GUANOSINE-5'-DIPHOSPHATE-ALPHA-D-MANNOSE 'C16 H25 N5 O16 P2'
#
# COMPACT_ATOMS: atom_id res chain seq x y z
N MET A 1 31.15 -33.53 -9.90
CA MET A 1 30.22 -33.02 -10.95
C MET A 1 30.52 -31.56 -11.30
N LYS A 2 30.14 -31.19 -12.53
CA LYS A 2 30.33 -29.83 -13.01
C LYS A 2 29.02 -29.09 -12.79
N LEU A 3 29.11 -27.96 -12.10
CA LEU A 3 27.95 -27.21 -11.62
C LEU A 3 28.07 -25.73 -11.99
N ILE A 4 27.03 -25.19 -12.62
CA ILE A 4 26.98 -23.79 -12.98
C ILE A 4 25.91 -23.08 -12.17
N ILE A 5 26.28 -22.02 -11.47
CA ILE A 5 25.30 -21.22 -10.74
C ILE A 5 25.07 -19.88 -11.43
N VAL A 6 23.82 -19.64 -11.82
CA VAL A 6 23.43 -18.35 -12.33
C VAL A 6 22.98 -17.53 -11.12
N GLY A 7 23.80 -16.56 -10.74
CA GLY A 7 23.51 -15.75 -9.58
C GLY A 7 24.36 -14.52 -9.49
N ALA A 8 24.19 -13.78 -8.39
CA ALA A 8 24.90 -12.53 -8.16
C ALA A 8 26.41 -12.71 -8.19
N HIS A 9 27.09 -11.76 -8.81
CA HIS A 9 28.54 -11.74 -8.88
C HIS A 9 29.11 -11.47 -7.48
N SER A 10 30.34 -11.93 -7.26
CA SER A 10 31.03 -11.76 -5.97
C SER A 10 30.97 -10.34 -5.41
N SER A 11 31.12 -9.35 -6.30
CA SER A 11 31.24 -7.95 -5.91
C SER A 11 29.93 -7.29 -5.46
N VAL A 12 28.80 -7.94 -5.72
CA VAL A 12 27.48 -7.37 -5.44
C VAL A 12 27.19 -7.29 -3.93
N PRO A 13 26.93 -6.08 -3.41
CA PRO A 13 26.63 -5.91 -1.99
C PRO A 13 25.13 -6.03 -1.66
N SER A 14 24.50 -7.08 -2.18
CA SER A 14 23.08 -7.32 -1.92
C SER A 14 22.86 -8.60 -1.11
N GLY A 15 21.60 -8.95 -0.89
CA GLY A 15 21.23 -10.21 -0.26
C GLY A 15 21.82 -11.41 -0.97
N TYR A 16 21.60 -11.49 -2.28
CA TYR A 16 22.10 -12.60 -3.11
C TYR A 16 23.62 -12.62 -3.17
N GLY A 17 24.22 -11.43 -3.16
CA GLY A 17 25.68 -11.30 -3.20
C GLY A 17 26.34 -11.96 -2.01
N ARG A 18 25.75 -11.78 -0.83
CA ARG A 18 26.28 -12.35 0.41
C ARG A 18 26.26 -13.88 0.41
N VAL A 19 25.11 -14.48 0.10
CA VAL A 19 24.99 -15.94 0.09
C VAL A 19 25.79 -16.62 -1.02
N MET A 20 25.94 -15.95 -2.16
CA MET A 20 26.81 -16.46 -3.23
C MET A 20 28.27 -16.50 -2.77
N ARG A 21 28.70 -15.44 -2.09
CA ARG A 21 30.07 -15.35 -1.56
C ARG A 21 30.39 -16.46 -0.56
N ALA A 22 29.35 -16.97 0.11
CA ALA A 22 29.52 -18.00 1.14
C ALA A 22 29.40 -19.42 0.59
N ILE A 23 28.37 -19.62 -0.24
CA ILE A 23 28.02 -20.94 -0.81
C ILE A 23 29.02 -21.46 -1.86
N VAL A 24 29.47 -20.59 -2.76
CA VAL A 24 30.34 -21.00 -3.86
C VAL A 24 31.67 -21.65 -3.42
N PRO A 25 32.47 -20.95 -2.59
CA PRO A 25 33.74 -21.53 -2.15
C PRO A 25 33.58 -22.87 -1.43
N ARG A 26 32.46 -23.04 -0.74
CA ARG A 26 32.20 -24.26 0.01
C ARG A 26 31.79 -25.45 -0.86
N ILE A 27 31.12 -25.18 -1.99
CA ILE A 27 30.79 -26.22 -2.95
C ILE A 27 32.02 -26.54 -3.82
N SER A 28 32.94 -25.59 -3.91
CA SER A 28 34.15 -25.71 -4.73
C SER A 28 35.06 -26.85 -4.32
N LYS A 29 35.12 -27.14 -3.03
CA LYS A 29 35.97 -28.23 -2.54
C LYS A 29 35.36 -29.61 -2.79
N ALA A 30 34.03 -29.65 -2.88
CA ALA A 30 33.34 -30.91 -3.21
C ALA A 30 33.29 -31.13 -4.71
N HIS A 31 32.98 -30.07 -5.47
CA HIS A 31 32.77 -30.16 -6.91
C HIS A 31 33.36 -28.99 -7.69
N GLU A 32 33.42 -29.13 -9.00
CA GLU A 32 33.81 -28.04 -9.87
C GLU A 32 32.62 -27.14 -10.13
N VAL A 33 32.64 -25.95 -9.54
CA VAL A 33 31.58 -24.97 -9.70
C VAL A 33 32.10 -23.74 -10.44
N ILE A 34 31.41 -23.39 -11.52
CA ILE A 34 31.73 -22.19 -12.27
C ILE A 34 30.51 -21.29 -12.36
N VAL A 35 30.74 -19.98 -12.24
CA VAL A 35 29.67 -19.03 -11.95
C VAL A 35 29.39 -18.08 -13.12
N PHE A 36 28.12 -17.98 -13.48
CA PHE A 36 27.62 -16.97 -14.38
C PHE A 36 27.23 -15.80 -13.49
N GLY A 37 28.23 -15.01 -13.09
CA GLY A 37 28.04 -13.90 -12.15
C GLY A 37 27.43 -12.69 -12.82
N ILE A 38 26.29 -12.24 -12.29
CA ILE A 38 25.54 -11.15 -12.87
C ILE A 38 25.59 -9.89 -11.99
N HIS A 39 25.41 -8.73 -12.62
CA HIS A 39 25.41 -7.40 -11.96
C HIS A 39 26.72 -6.98 -11.30
N ALA A 40 27.85 -7.43 -11.85
CA ALA A 40 29.16 -7.16 -11.25
C ALA A 40 29.41 -5.68 -10.92
N PHE A 41 30.05 -5.43 -9.77
CA PHE A 41 30.48 -4.09 -9.38
C PHE A 41 31.99 -3.88 -9.58
N GLY A 42 32.71 -4.95 -9.91
CA GLY A 42 34.16 -4.87 -10.15
C GLY A 42 34.87 -6.22 -10.15
N ARG A 43 36.03 -6.24 -9.49
CA ARG A 43 36.86 -7.45 -9.37
C ARG A 43 36.12 -8.62 -8.70
N SER A 44 36.43 -9.83 -9.13
CA SER A 44 35.94 -11.03 -8.46
C SER A 44 36.67 -11.24 -7.14
N VAL A 45 35.92 -11.53 -6.08
CA VAL A 45 36.48 -11.68 -4.73
C VAL A 45 37.24 -13.00 -4.53
N HIS A 46 36.96 -13.97 -5.39
CA HIS A 46 37.58 -15.29 -5.30
C HIS A 46 38.81 -15.39 -6.19
N ALA A 47 39.89 -15.93 -5.64
CA ALA A 47 41.17 -16.02 -6.35
C ALA A 47 41.22 -17.16 -7.36
N ASN A 48 40.53 -18.28 -7.07
CA ASN A 48 40.72 -19.50 -7.86
C ASN A 48 39.49 -20.11 -8.56
N ILE A 49 38.30 -19.85 -8.05
CA ILE A 49 37.08 -20.36 -8.68
C ILE A 49 36.73 -19.52 -9.93
N GLU A 50 36.31 -20.19 -11.00
CA GLU A 50 36.04 -19.52 -12.26
C GLU A 50 34.70 -18.79 -12.22
N GLU A 51 34.77 -17.46 -12.29
CA GLU A 51 33.58 -16.61 -12.28
C GLU A 51 33.51 -15.74 -13.53
N PHE A 52 32.39 -15.86 -14.24
CA PHE A 52 32.18 -15.13 -15.49
C PHE A 52 31.51 -13.80 -15.19
N ASP A 53 32.09 -12.72 -15.73
CA ASP A 53 31.57 -11.37 -15.53
C ASP A 53 30.53 -11.08 -16.62
N ALA A 54 29.27 -11.42 -16.32
CA ALA A 54 28.21 -11.41 -17.32
C ALA A 54 27.83 -10.00 -17.78
N GLN A 55 27.88 -9.04 -16.87
CA GLN A 55 27.56 -7.66 -17.19
C GLN A 55 28.53 -7.05 -18.19
N THR A 56 29.83 -7.20 -17.96
CA THR A 56 30.79 -6.58 -18.88
C THR A 56 30.81 -7.27 -20.25
N ALA A 57 30.66 -8.58 -20.24
CA ALA A 57 30.52 -9.34 -21.49
C ALA A 57 29.30 -8.86 -22.28
N GLU A 58 28.22 -8.56 -21.55
CA GLU A 58 27.03 -7.93 -22.10
C GLU A 58 27.36 -6.60 -22.80
N HIS A 59 28.24 -5.80 -22.18
CA HIS A 59 28.64 -4.52 -22.73
C HIS A 59 29.53 -4.68 -23.94
N VAL A 60 30.38 -5.71 -23.92
CA VAL A 60 31.28 -6.01 -25.03
C VAL A 60 30.50 -6.33 -26.29
N ARG A 61 29.34 -6.96 -26.12
CA ARG A 61 28.44 -7.25 -27.22
C ARG A 61 27.46 -6.12 -27.51
N GLY A 62 27.62 -5.00 -26.79
CA GLY A 62 26.79 -3.81 -26.98
C GLY A 62 25.32 -4.03 -26.68
N LEU A 63 25.04 -4.76 -25.61
CA LEU A 63 23.68 -5.06 -25.20
C LEU A 63 23.35 -4.38 -23.88
N ASN A 64 22.07 -4.13 -23.66
CA ASN A 64 21.62 -3.68 -22.35
C ASN A 64 20.50 -4.56 -21.82
N GLU A 65 20.92 -5.66 -21.21
CA GLU A 65 20.03 -6.60 -20.57
C GLU A 65 20.17 -6.45 -19.05
N GLN A 66 20.39 -5.21 -18.61
CA GLN A 66 20.46 -4.84 -17.20
C GLN A 66 21.44 -5.70 -16.39
N GLY A 67 22.52 -6.12 -17.04
CA GLY A 67 23.55 -6.93 -16.38
C GLY A 67 23.20 -8.39 -16.17
N PHE A 68 22.02 -8.82 -16.63
CA PHE A 68 21.59 -10.21 -16.54
C PHE A 68 22.21 -11.07 -17.63
N TYR A 69 22.44 -10.44 -18.79
CA TYR A 69 23.03 -11.10 -19.95
C TYR A 69 22.27 -12.37 -20.33
N TYR A 70 20.97 -12.23 -20.54
CA TYR A 70 20.12 -13.36 -20.92
C TYR A 70 20.61 -13.96 -22.23
N SER A 71 20.94 -13.09 -23.18
CA SER A 71 21.43 -13.48 -24.51
C SER A 71 22.69 -14.36 -24.49
N GLY A 72 23.43 -14.36 -23.38
CA GLY A 72 24.68 -15.08 -23.30
C GLY A 72 24.64 -16.44 -22.65
N LEU A 73 23.60 -16.70 -21.84
CA LEU A 73 23.53 -17.92 -21.05
C LEU A 73 23.49 -19.21 -21.86
N SER A 74 22.65 -19.25 -22.89
CA SER A 74 22.51 -20.42 -23.76
C SER A 74 23.85 -20.92 -24.30
N GLU A 75 24.63 -20.00 -24.86
CA GLU A 75 25.94 -20.33 -25.44
C GLU A 75 26.93 -20.76 -24.35
N PHE A 76 26.78 -20.19 -23.16
CA PHE A 76 27.64 -20.46 -22.01
C PHE A 76 27.43 -21.88 -21.48
N ILE A 77 26.19 -22.34 -21.51
CA ILE A 77 25.83 -23.68 -21.06
C ILE A 77 26.26 -24.74 -22.09
N ASP A 78 26.04 -24.45 -23.38
CA ASP A 78 26.41 -25.36 -24.46
C ASP A 78 27.91 -25.69 -24.47
N VAL A 79 28.72 -24.72 -24.07
CA VAL A 79 30.17 -24.88 -24.03
C VAL A 79 30.61 -25.68 -22.80
N HIS A 80 30.24 -25.21 -21.61
CA HIS A 80 30.65 -25.85 -20.37
C HIS A 80 30.01 -27.21 -20.12
N LYS A 81 28.88 -27.46 -20.77
CA LYS A 81 28.15 -28.74 -20.69
C LYS A 81 28.04 -29.25 -19.25
N PRO A 82 27.42 -28.45 -18.36
CA PRO A 82 27.39 -28.83 -16.95
C PRO A 82 26.37 -29.92 -16.66
N ASP A 83 26.63 -30.67 -15.59
CA ASP A 83 25.70 -31.70 -15.14
C ASP A 83 24.43 -31.06 -14.59
N ILE A 84 24.59 -29.99 -13.82
CA ILE A 84 23.48 -29.26 -13.22
C ILE A 84 23.63 -27.75 -13.39
N VAL A 85 22.50 -27.05 -13.54
CA VAL A 85 22.48 -25.59 -13.60
C VAL A 85 21.55 -25.05 -12.52
N MET A 86 22.10 -24.22 -11.63
CA MET A 86 21.31 -23.63 -10.56
C MET A 86 21.03 -22.18 -10.86
N ILE A 87 19.75 -21.85 -10.93
CA ILE A 87 19.33 -20.47 -11.14
C ILE A 87 18.81 -19.89 -9.83
N TYR A 88 19.52 -18.88 -9.34
CA TYR A 88 19.22 -18.29 -8.05
C TYR A 88 18.76 -16.84 -8.23
N ASN A 89 17.43 -16.66 -8.21
CA ASN A 89 16.80 -15.34 -8.32
C ASN A 89 15.32 -15.37 -7.96
N ASP A 90 14.58 -14.32 -8.33
CA ASP A 90 13.12 -14.29 -8.18
C ASP A 90 12.44 -14.92 -9.40
N PRO A 91 11.12 -15.17 -9.34
CA PRO A 91 10.41 -15.87 -10.43
C PRO A 91 10.46 -15.21 -11.83
N ILE A 92 10.54 -13.89 -11.91
CA ILE A 92 10.58 -13.23 -13.21
C ILE A 92 11.93 -13.47 -13.90
N VAL A 93 13.01 -13.35 -13.13
CA VAL A 93 14.35 -13.52 -13.66
C VAL A 93 14.59 -14.98 -14.04
N ILE A 94 14.20 -15.90 -13.15
CA ILE A 94 14.25 -17.33 -13.47
C ILE A 94 13.49 -17.60 -14.78
N GLY A 95 12.26 -17.11 -14.87
CA GLY A 95 11.46 -17.21 -16.08
C GLY A 95 12.20 -16.82 -17.33
N ASN A 96 12.86 -15.65 -17.28
CA ASN A 96 13.58 -15.12 -18.42
C ASN A 96 14.81 -15.94 -18.81
N TYR A 97 15.50 -16.49 -17.83
CA TYR A 97 16.65 -17.36 -18.08
C TYR A 97 16.18 -18.70 -18.64
N LEU A 98 15.00 -19.16 -18.21
CA LEU A 98 14.45 -20.40 -18.73
C LEU A 98 14.09 -20.29 -20.22
N LEU A 99 13.54 -19.15 -20.61
CA LEU A 99 13.30 -18.88 -22.02
C LEU A 99 14.61 -18.72 -22.80
N ALA A 100 15.62 -18.13 -22.14
CA ALA A 100 16.93 -17.91 -22.73
C ALA A 100 17.57 -19.23 -23.15
N MET A 101 17.53 -20.22 -22.25
CA MET A 101 18.07 -21.55 -22.55
C MET A 101 17.04 -22.49 -23.20
N GLY A 102 15.94 -21.90 -23.66
CA GLY A 102 14.90 -22.62 -24.40
C GLY A 102 15.43 -23.27 -25.67
N LYS A 103 16.30 -22.56 -26.38
CA LYS A 103 16.90 -23.09 -27.60
C LYS A 103 18.36 -23.52 -27.39
N CYS A 104 18.59 -24.14 -26.24
CA CYS A 104 19.90 -24.65 -25.83
C CYS A 104 20.12 -26.05 -26.41
N SER A 105 21.37 -26.34 -26.79
CA SER A 105 21.71 -27.62 -27.41
C SER A 105 21.98 -28.70 -26.37
N HIS A 106 22.65 -28.32 -25.28
CA HIS A 106 23.02 -29.23 -24.22
C HIS A 106 21.81 -29.59 -23.37
N ARG A 107 21.50 -30.88 -23.32
CA ARG A 107 20.50 -31.41 -22.38
C ARG A 107 21.07 -31.30 -20.97
N THR A 108 20.32 -30.65 -20.08
CA THR A 108 20.82 -30.39 -18.75
C THR A 108 19.71 -30.33 -17.73
N LYS A 109 20.07 -30.58 -16.48
CA LYS A 109 19.13 -30.62 -15.38
C LYS A 109 19.20 -29.31 -14.62
N ILE A 110 18.04 -28.68 -14.41
CA ILE A 110 17.96 -27.37 -13.79
C ILE A 110 17.40 -27.41 -12.36
N VAL A 111 18.08 -26.74 -11.44
CA VAL A 111 17.62 -26.62 -10.05
C VAL A 111 17.38 -25.15 -9.75
N LEU A 112 16.18 -24.81 -9.27
CA LEU A 112 15.83 -23.42 -9.00
C LEU A 112 15.97 -23.08 -7.52
N TYR A 113 16.75 -22.06 -7.23
CA TYR A 113 16.79 -21.47 -5.89
C TYR A 113 15.92 -20.20 -5.89
N VAL A 114 14.62 -20.38 -5.62
CA VAL A 114 13.66 -19.29 -5.71
C VAL A 114 13.70 -18.36 -4.51
N ASP A 115 13.81 -17.07 -4.78
CA ASP A 115 13.61 -16.06 -3.77
C ASP A 115 12.14 -15.64 -3.78
N LEU A 116 11.33 -16.29 -2.95
CA LEU A 116 9.95 -15.88 -2.73
C LEU A 116 9.91 -14.90 -1.57
N VAL A 117 8.86 -14.10 -1.52
CA VAL A 117 8.79 -12.98 -0.59
C VAL A 117 7.35 -12.71 -0.11
N SER A 118 6.39 -13.15 -0.92
CA SER A 118 4.97 -13.03 -0.62
C SER A 118 4.27 -14.32 -1.07
N LYS A 119 3.22 -14.71 -0.35
CA LYS A 119 2.25 -15.67 -0.85
C LYS A 119 1.59 -15.14 -2.12
N ASN A 120 1.04 -16.05 -2.93
CA ASN A 120 0.17 -15.71 -4.07
C ASN A 120 0.83 -14.90 -5.18
N ILE A 121 2.03 -15.28 -5.57
CA ILE A 121 2.69 -14.64 -6.71
C ILE A 121 1.85 -14.90 -7.99
N ARG A 122 1.93 -14.01 -8.96
CA ARG A 122 1.08 -14.10 -10.16
C ARG A 122 1.16 -15.46 -10.87
N GLU A 123 -0.01 -15.95 -11.31
CA GLU A 123 -0.12 -17.28 -11.95
C GLU A 123 0.64 -17.40 -13.26
N ASN A 124 0.83 -16.28 -13.96
CA ASN A 124 1.61 -16.27 -15.19
C ASN A 124 3.11 -16.49 -14.98
N LEU A 125 3.52 -16.75 -13.74
CA LEU A 125 4.92 -17.07 -13.42
C LEU A 125 5.04 -18.51 -12.93
N TRP A 126 3.91 -19.09 -12.51
CA TRP A 126 3.86 -20.45 -11.97
C TRP A 126 4.49 -21.51 -12.84
N TRP A 127 4.44 -21.33 -14.17
CA TRP A 127 4.98 -22.30 -15.14
C TRP A 127 6.41 -22.75 -14.84
N ILE A 128 7.23 -21.84 -14.31
CA ILE A 128 8.63 -22.15 -14.03
C ILE A 128 8.84 -23.33 -13.06
N PHE A 129 7.86 -23.60 -12.21
CA PHE A 129 7.97 -24.70 -11.25
C PHE A 129 7.72 -26.09 -11.84
N SER A 130 7.10 -26.13 -13.01
CA SER A 130 6.82 -27.40 -13.68
C SER A 130 7.40 -27.44 -15.08
N HIS A 131 8.39 -26.57 -15.33
CA HIS A 131 9.18 -26.58 -16.55
C HIS A 131 9.85 -27.96 -16.68
N PRO A 132 9.87 -28.53 -17.89
CA PRO A 132 10.32 -29.92 -18.06
C PRO A 132 11.79 -30.14 -17.70
N LYS A 133 12.60 -29.10 -17.84
CA LYS A 133 14.04 -29.21 -17.55
C LYS A 133 14.31 -29.08 -16.06
N VAL A 134 13.35 -28.53 -15.32
CA VAL A 134 13.49 -28.38 -13.88
C VAL A 134 13.38 -29.75 -13.25
N VAL A 135 14.37 -30.07 -12.42
CA VAL A 135 14.56 -31.39 -11.85
C VAL A 135 14.42 -31.34 -10.32
N GLY A 136 14.68 -30.16 -9.75
CA GLY A 136 14.53 -29.93 -8.33
C GLY A 136 14.34 -28.46 -8.05
N VAL A 137 13.79 -28.16 -6.87
CA VAL A 137 13.64 -26.78 -6.44
C VAL A 137 14.17 -26.63 -5.02
N MET A 138 14.92 -25.56 -4.80
CA MET A 138 15.39 -25.20 -3.47
C MET A 138 14.61 -23.99 -3.02
N ALA A 139 14.16 -24.02 -1.77
CA ALA A 139 13.45 -22.89 -1.19
C ALA A 139 14.13 -22.46 0.11
N MET A 140 13.93 -21.19 0.49
CA MET A 140 14.68 -20.61 1.60
C MET A 140 14.13 -20.96 2.98
N SER A 141 12.85 -21.31 3.04
CA SER A 141 12.19 -21.54 4.32
C SER A 141 11.01 -22.50 4.19
N LYS A 142 10.67 -23.15 5.30
CA LYS A 142 9.62 -24.16 5.36
C LYS A 142 8.24 -23.63 4.95
N CYS A 143 8.02 -22.33 5.17
CA CYS A 143 6.73 -21.72 4.84
C CYS A 143 6.45 -21.71 3.33
N TRP A 144 7.51 -21.69 2.52
CA TRP A 144 7.36 -21.61 1.08
C TRP A 144 7.09 -22.95 0.40
N ILE A 145 7.26 -24.05 1.15
CA ILE A 145 7.09 -25.39 0.57
C ILE A 145 5.66 -25.64 0.09
N SER A 146 4.68 -25.18 0.86
CA SER A 146 3.28 -25.42 0.52
C SER A 146 2.84 -24.52 -0.62
N ASP A 147 3.47 -23.37 -0.77
CA ASP A 147 3.16 -22.46 -1.87
C ASP A 147 3.65 -23.01 -3.21
N ILE A 148 4.91 -23.42 -3.25
CA ILE A 148 5.51 -24.00 -4.45
C ILE A 148 4.73 -25.25 -4.93
N CYS A 149 4.29 -26.07 -3.97
CA CYS A 149 3.38 -27.18 -4.25
C CYS A 149 2.05 -26.70 -4.83
N ASN A 150 1.46 -25.65 -4.28
CA ASN A 150 0.18 -25.13 -4.80
C ASN A 150 0.33 -24.60 -6.21
N TYR A 151 1.52 -24.14 -6.54
CA TYR A 151 1.84 -23.60 -7.85
C TYR A 151 1.96 -24.71 -8.88
N GLY A 152 2.04 -25.95 -8.40
CA GLY A 152 2.03 -27.15 -9.25
C GLY A 152 3.39 -27.79 -9.44
N CYS A 153 4.22 -27.74 -8.40
CA CYS A 153 5.55 -28.32 -8.44
C CYS A 153 5.53 -29.82 -8.14
N LYS A 154 6.01 -30.62 -9.08
CA LYS A 154 5.99 -32.09 -8.92
C LYS A 154 7.36 -32.69 -8.65
N VAL A 155 8.39 -31.83 -8.58
CA VAL A 155 9.76 -32.29 -8.36
C VAL A 155 10.15 -32.14 -6.89
N PRO A 156 11.23 -32.81 -6.46
CA PRO A 156 11.71 -32.66 -5.08
C PRO A 156 11.90 -31.20 -4.66
N ILE A 157 11.53 -30.89 -3.43
CA ILE A 157 11.69 -29.54 -2.88
C ILE A 157 12.56 -29.63 -1.64
N ASN A 158 13.58 -28.79 -1.60
CA ASN A 158 14.58 -28.83 -0.54
C ASN A 158 14.67 -27.48 0.15
N ILE A 159 14.92 -27.51 1.46
CA ILE A 159 15.10 -26.27 2.21
C ILE A 159 16.58 -25.92 2.33
N VAL A 160 16.94 -24.78 1.76
CA VAL A 160 18.29 -24.26 1.85
C VAL A 160 18.18 -22.87 2.50
N SER A 161 18.41 -22.83 3.81
CA SER A 161 18.28 -21.59 4.55
C SER A 161 19.52 -20.72 4.38
N HIS A 162 19.77 -19.83 5.34
CA HIS A 162 20.95 -18.97 5.27
C HIS A 162 21.61 -18.86 6.63
N PHE A 163 22.92 -18.72 6.63
CA PHE A 163 23.66 -18.47 7.87
C PHE A 163 24.14 -17.02 7.90
N VAL A 164 24.44 -16.55 9.10
CA VAL A 164 24.82 -15.18 9.29
C VAL A 164 26.18 -15.11 9.99
N ASP A 165 27.09 -14.36 9.41
CA ASP A 165 28.44 -14.23 9.94
C ASP A 165 28.80 -12.76 10.15
N THR A 166 28.39 -12.20 11.29
CA THR A 166 28.76 -10.83 11.63
C THR A 166 29.75 -10.83 12.79
N LYS A 167 30.81 -10.05 12.65
CA LYS A 167 31.84 -9.96 13.68
C LYS A 167 31.34 -9.14 14.85
N THR A 168 31.82 -9.49 16.04
CA THR A 168 31.55 -8.73 17.25
C THR A 168 32.65 -7.68 17.41
N ILE A 169 32.24 -6.41 17.55
CA ILE A 169 33.19 -5.29 17.52
C ILE A 169 33.12 -4.43 18.79
N TYR A 170 34.27 -4.28 19.44
CA TYR A 170 34.39 -3.52 20.67
C TYR A 170 34.42 -2.01 20.42
N ASP A 171 33.83 -1.26 21.36
CA ASP A 171 33.76 0.21 21.30
C ASP A 171 33.12 0.68 19.98
N ALA A 172 31.90 0.20 19.75
CA ALA A 172 31.25 0.29 18.44
C ALA A 172 30.57 1.63 18.14
N ARG A 173 29.84 2.18 19.11
CA ARG A 173 29.10 3.43 18.87
C ARG A 173 29.99 4.66 18.85
N LYS A 174 31.20 4.53 19.39
CA LYS A 174 32.22 5.57 19.30
C LYS A 174 32.73 5.61 17.87
N LEU A 175 32.87 4.44 17.25
CA LEU A 175 33.44 4.31 15.91
C LEU A 175 32.50 4.67 14.76
N VAL A 176 31.20 4.49 14.96
CA VAL A 176 30.22 4.83 13.91
C VAL A 176 29.78 6.29 13.96
N GLY A 177 30.16 7.00 15.02
CA GLY A 177 29.85 8.42 15.16
C GLY A 177 28.63 8.72 16.01
N LEU A 178 28.40 7.89 17.01
CA LEU A 178 27.24 8.05 17.90
C LEU A 178 27.66 8.26 19.37
N SER A 179 28.78 8.96 19.56
CA SER A 179 29.32 9.20 20.90
C SER A 179 28.54 10.29 21.67
N GLU A 180 27.73 11.06 20.94
CA GLU A 180 26.84 12.05 21.56
C GLU A 180 25.58 11.39 22.13
N TYR A 181 25.39 10.10 21.83
CA TYR A 181 24.20 9.37 22.28
C TYR A 181 24.56 8.16 23.15
N ASN A 182 25.23 8.40 24.28
CA ASN A 182 25.61 7.33 25.19
C ASN A 182 24.49 6.89 26.12
N ASP A 183 23.70 7.84 26.59
CA ASP A 183 22.57 7.56 27.48
C ASP A 183 21.34 7.05 26.73
N ASP A 184 21.23 7.42 25.45
CA ASP A 184 20.10 7.03 24.61
C ASP A 184 20.17 5.56 24.24
N VAL A 185 19.01 4.90 24.28
CA VAL A 185 18.90 3.54 23.75
C VAL A 185 18.59 3.60 22.25
N LEU A 186 19.31 2.83 21.46
CA LEU A 186 19.23 2.95 20.01
C LEU A 186 18.50 1.77 19.37
N PHE A 187 17.37 2.07 18.72
CA PHE A 187 16.65 1.10 17.91
C PHE A 187 17.18 1.15 16.48
N LEU A 188 17.50 -0.01 15.91
CA LEU A 188 18.16 -0.06 14.60
C LEU A 188 17.35 -0.83 13.57
N ASN A 189 16.94 -0.14 12.52
CA ASN A 189 16.36 -0.77 11.36
C ASN A 189 17.32 -0.67 10.18
N MET A 190 17.99 -1.76 9.87
CA MET A 190 18.98 -1.80 8.78
C MET A 190 18.39 -2.00 7.39
N ASN A 191 17.07 -2.12 7.29
CA ASN A 191 16.41 -2.36 6.02
C ASN A 191 16.41 -1.18 5.05
N ARG A 192 16.40 -1.49 3.75
CA ARG A 192 16.30 -0.48 2.69
C ARG A 192 14.92 0.18 2.67
N ASN A 193 14.89 1.48 2.37
CA ASN A 193 13.63 2.20 2.27
C ASN A 193 12.86 1.88 0.98
N THR A 194 12.29 0.68 0.94
CA THR A 194 11.33 0.29 -0.09
C THR A 194 9.97 0.02 0.58
N ALA A 195 8.95 -0.24 -0.24
CA ALA A 195 7.59 -0.47 0.25
C ALA A 195 7.49 -1.70 1.13
N ARG A 196 8.09 -2.79 0.67
CA ARG A 196 8.07 -4.08 1.36
C ARG A 196 8.50 -3.94 2.81
N LYS A 197 9.54 -3.13 3.02
CA LYS A 197 10.15 -2.96 4.32
C LYS A 197 9.36 -2.11 5.30
N ARG A 198 8.36 -1.40 4.80
CA ARG A 198 7.43 -0.63 5.63
C ARG A 198 8.12 0.27 6.65
N LEU A 199 9.05 1.10 6.17
CA LEU A 199 9.72 2.08 7.05
C LEU A 199 8.77 3.23 7.43
N ASP A 200 7.68 3.37 6.69
CA ASP A 200 6.59 4.29 7.03
C ASP A 200 5.94 3.92 8.36
N ILE A 201 5.85 2.62 8.64
CA ILE A 201 5.31 2.15 9.91
C ILE A 201 6.33 2.38 11.03
N TYR A 202 7.57 1.95 10.79
CA TYR A 202 8.67 2.13 11.76
C TYR A 202 8.76 3.55 12.28
N VAL A 203 8.84 4.49 11.33
CA VAL A 203 8.98 5.90 11.63
C VAL A 203 7.73 6.44 12.33
N LEU A 204 6.56 5.99 11.87
CA LEU A 204 5.27 6.41 12.43
C LEU A 204 5.09 5.92 13.86
N ALA A 205 5.56 4.71 14.15
CA ALA A 205 5.49 4.16 15.49
C ALA A 205 6.50 4.84 16.41
N ALA A 206 7.65 5.19 15.83
CA ALA A 206 8.66 5.97 16.55
C ALA A 206 8.07 7.30 17.01
N ALA A 207 7.38 7.98 16.09
CA ALA A 207 6.72 9.25 16.37
C ALA A 207 5.70 9.12 17.50
N ARG A 208 4.85 8.09 17.43
CA ARG A 208 3.83 7.84 18.44
C ARG A 208 4.42 7.46 19.79
N PHE A 209 5.57 6.78 19.77
CA PHE A 209 6.26 6.41 21.00
C PHE A 209 6.85 7.64 21.67
N ILE A 210 7.42 8.52 20.84
CA ILE A 210 8.07 9.75 21.30
C ILE A 210 7.06 10.72 21.90
N SER A 211 5.89 10.84 21.27
CA SER A 211 4.80 11.68 21.78
C SER A 211 4.22 11.10 23.05
N LYS A 212 4.29 9.78 23.19
CA LYS A 212 3.87 9.10 24.43
C LYS A 212 4.86 9.35 25.57
N TYR A 213 6.16 9.24 25.27
CA TYR A 213 7.21 9.46 26.26
C TYR A 213 8.23 10.50 25.75
N PRO A 214 7.93 11.80 25.97
CA PRO A 214 8.72 12.91 25.43
C PRO A 214 10.14 13.00 25.97
N ASP A 215 10.36 12.51 27.19
CA ASP A 215 11.65 12.64 27.85
C ASP A 215 12.43 11.33 27.94
N ALA A 216 11.94 10.29 27.30
CA ALA A 216 12.64 9.01 27.25
C ALA A 216 13.84 9.08 26.32
N LYS A 217 15.04 8.92 26.90
CA LYS A 217 16.28 8.96 26.14
C LYS A 217 16.35 7.81 25.13
N VAL A 218 15.92 8.08 23.90
CA VAL A 218 15.82 7.07 22.85
C VAL A 218 16.14 7.66 21.46
N ARG A 219 16.76 6.85 20.61
CA ARG A 219 17.00 7.21 19.20
C ARG A 219 16.58 6.08 18.26
N PHE A 220 15.96 6.45 17.13
CA PHE A 220 15.59 5.47 16.11
C PHE A 220 16.43 5.69 14.85
N LEU A 221 17.07 4.63 14.35
CA LEU A 221 17.92 4.73 13.17
C LEU A 221 17.38 3.91 12.00
N CYS A 222 17.64 4.38 10.78
CA CYS A 222 17.16 3.74 9.55
C CYS A 222 17.91 4.29 8.32
N ASN A 223 17.62 3.73 7.14
CA ASN A 223 18.31 4.09 5.90
C ASN A 223 17.38 4.55 4.78
N SER A 224 17.90 5.39 3.88
CA SER A 224 17.15 5.89 2.72
C SER A 224 18.07 6.44 1.64
N HIS A 225 17.78 6.14 0.37
CA HIS A 225 18.61 6.63 -0.74
C HIS A 225 18.13 7.99 -1.31
N HIS A 226 18.93 8.54 -2.22
CA HIS A 226 18.74 9.87 -2.83
C HIS A 226 17.28 10.36 -2.97
N GLU A 227 16.43 9.56 -3.59
CA GLU A 227 15.04 9.95 -3.89
C GLU A 227 14.16 8.69 -3.98
N SER A 228 13.88 8.10 -2.83
CA SER A 228 13.09 6.86 -2.76
C SER A 228 11.59 7.15 -2.96
N LYS A 229 10.75 6.60 -2.10
CA LYS A 229 9.31 6.85 -2.19
C LYS A 229 8.69 7.26 -0.86
N PHE A 230 9.26 6.80 0.25
CA PHE A 230 8.87 7.29 1.56
C PHE A 230 9.86 8.34 2.08
N ASP A 231 9.39 9.58 2.22
CA ASP A 231 10.17 10.63 2.85
C ASP A 231 9.93 10.52 4.35
N LEU A 232 10.87 9.89 5.04
CA LEU A 232 10.68 9.45 6.44
C LEU A 232 10.50 10.58 7.45
N HIS A 233 11.31 11.63 7.34
CA HIS A 233 11.16 12.79 8.23
C HIS A 233 9.77 13.42 8.05
N SER A 234 9.32 13.47 6.80
CA SER A 234 7.98 13.97 6.45
C SER A 234 6.86 13.21 7.16
N ILE A 235 6.88 11.88 7.08
CA ILE A 235 5.91 11.04 7.80
C ILE A 235 6.01 11.29 9.31
N ALA A 236 7.23 11.34 9.81
CA ALA A 236 7.49 11.55 11.23
C ALA A 236 6.96 12.90 11.71
N LEU A 237 7.33 13.96 10.98
CA LEU A 237 6.94 15.33 11.31
C LEU A 237 5.42 15.48 11.43
N ARG A 238 4.69 14.91 10.47
CA ARG A 238 3.25 15.05 10.39
C ARG A 238 2.52 14.37 11.53
N GLU A 239 3.05 13.23 11.98
CA GLU A 239 2.44 12.48 13.06
C GLU A 239 2.62 13.16 14.41
N LEU A 240 3.76 13.83 14.58
CA LEU A 240 4.07 14.54 15.81
C LEU A 240 3.13 15.72 16.05
N VAL A 241 2.85 16.47 14.97
CA VAL A 241 1.90 17.58 15.01
C VAL A 241 0.49 17.09 15.36
N ALA A 242 0.13 15.92 14.84
CA ALA A 242 -1.18 15.32 15.09
C ALA A 242 -1.43 15.02 16.57
N SER A 243 -0.40 14.55 17.26
CA SER A 243 -0.51 14.19 18.68
C SER A 243 -0.54 15.42 19.58
N GLY A 244 -0.12 16.57 19.05
CA GLY A 244 -0.19 17.84 19.77
C GLY A 244 0.98 18.14 20.68
N VAL A 245 1.92 17.19 20.76
CA VAL A 245 3.11 17.33 21.61
C VAL A 245 3.97 18.55 21.21
N ASP A 246 4.60 19.18 22.21
CA ASP A 246 5.45 20.34 21.97
C ASP A 246 6.87 19.93 21.61
N ASN A 247 7.74 20.92 21.36
CA ASN A 247 9.14 20.70 21.00
C ASN A 247 9.31 19.72 19.84
N VAL A 248 8.49 19.89 18.82
CA VAL A 248 8.39 18.96 17.69
C VAL A 248 9.72 18.71 16.99
N PHE A 249 10.46 19.79 16.66
CA PHE A 249 11.69 19.65 15.88
C PHE A 249 12.84 18.94 16.60
N THR A 250 12.90 19.09 17.92
CA THR A 250 13.87 18.36 18.74
C THR A 250 13.48 16.88 18.80
N HIS A 251 12.19 16.62 19.00
CA HIS A 251 11.65 15.25 19.00
C HIS A 251 11.83 14.56 17.64
N LEU A 252 11.75 15.35 16.56
CA LEU A 252 11.95 14.84 15.21
C LEU A 252 13.40 14.42 14.98
N ASN A 253 14.33 15.14 15.60
CA ASN A 253 15.77 14.89 15.45
C ASN A 253 16.20 13.53 16.00
N LYS A 254 15.33 12.92 16.82
CA LYS A 254 15.60 11.62 17.43
C LYS A 254 15.56 10.48 16.42
N ILE A 255 14.82 10.69 15.34
CA ILE A 255 14.79 9.75 14.21
C ILE A 255 15.94 10.09 13.26
N MET A 256 16.93 9.21 13.21
CA MET A 256 18.14 9.45 12.43
C MET A 256 18.14 8.66 11.13
N ILE A 257 18.08 9.35 10.00
CA ILE A 257 18.18 8.69 8.70
C ILE A 257 19.64 8.69 8.23
N ASN A 258 20.09 7.54 7.76
CA ASN A 258 21.39 7.40 7.12
C ASN A 258 21.24 7.33 5.60
N ARG A 259 21.58 8.42 4.93
CA ARG A 259 21.49 8.48 3.47
C ARG A 259 22.70 7.81 2.82
N THR A 260 23.84 7.89 3.50
CA THR A 260 25.11 7.38 2.99
C THR A 260 25.14 5.85 2.92
N VAL A 261 25.68 5.32 1.83
CA VAL A 261 25.80 3.87 1.65
C VAL A 261 26.93 3.37 2.56
N LEU A 262 26.79 2.12 3.00
CA LEU A 262 27.68 1.56 4.01
C LEU A 262 28.48 0.35 3.53
N THR A 263 29.77 0.33 3.83
CA THR A 263 30.63 -0.83 3.60
C THR A 263 30.30 -1.94 4.59
N ASP A 264 30.74 -3.16 4.27
CA ASP A 264 30.48 -4.34 5.10
C ASP A 264 30.91 -4.18 6.57
N GLU A 265 32.00 -3.44 6.77
CA GLU A 265 32.51 -3.14 8.10
C GLU A 265 31.55 -2.26 8.89
N ARG A 266 31.05 -1.19 8.27
CA ARG A 266 30.21 -0.21 8.96
C ARG A 266 28.81 -0.75 9.29
N VAL A 267 28.31 -1.64 8.43
CA VAL A 267 27.06 -2.35 8.70
C VAL A 267 27.22 -3.18 9.99
N ASP A 268 28.32 -3.94 10.05
CA ASP A 268 28.67 -4.74 11.22
C ASP A 268 28.88 -3.87 12.46
N MET A 269 29.47 -2.69 12.27
CA MET A 269 29.69 -1.74 13.35
C MET A 269 28.36 -1.19 13.87
N MET A 270 27.41 -0.94 12.98
CA MET A 270 26.09 -0.46 13.36
C MET A 270 25.34 -1.46 14.25
N TYR A 271 25.36 -2.73 13.83
CA TYR A 271 24.72 -3.80 14.61
C TYR A 271 25.29 -3.87 16.02
N ASN A 272 26.62 -3.83 16.12
CA ASN A 272 27.32 -3.84 17.40
C ASN A 272 26.96 -2.65 18.28
N ALA A 273 26.75 -1.51 17.65
CA ALA A 273 26.51 -0.25 18.35
C ALA A 273 25.15 -0.17 19.02
N CYS A 274 24.12 -0.62 18.31
CA CYS A 274 22.75 -0.35 18.74
C CYS A 274 22.22 -1.30 19.82
N ASP A 275 21.12 -0.91 20.44
CA ASP A 275 20.57 -1.65 21.57
C ASP A 275 19.39 -2.56 21.22
N VAL A 276 18.63 -2.23 20.17
CA VAL A 276 17.53 -3.08 19.71
C VAL A 276 17.44 -3.12 18.18
N ILE A 277 17.38 -4.32 17.62
CA ILE A 277 17.24 -4.51 16.18
C ILE A 277 15.76 -4.63 15.81
N VAL A 278 15.32 -3.85 14.83
CA VAL A 278 13.91 -3.83 14.42
C VAL A 278 13.77 -4.14 12.93
N ASN A 279 12.85 -5.06 12.63
CA ASN A 279 12.39 -5.29 11.26
C ASN A 279 10.86 -5.39 11.23
N CYS A 280 10.22 -4.46 10.54
CA CYS A 280 8.77 -4.44 10.46
C CYS A 280 8.26 -4.54 9.02
N SER A 281 8.94 -5.34 8.21
CA SER A 281 8.59 -5.51 6.81
C SER A 281 7.33 -6.36 6.65
N SER A 282 6.68 -6.25 5.50
CA SER A 282 5.51 -7.05 5.20
C SER A 282 5.84 -8.33 4.42
N GLY A 283 7.12 -8.53 4.10
CA GLY A 283 7.53 -9.70 3.34
C GLY A 283 9.00 -10.05 3.51
N GLU A 284 9.26 -11.30 3.89
CA GLU A 284 10.63 -11.81 4.04
C GLU A 284 10.71 -13.26 3.58
N GLY A 285 11.68 -13.54 2.71
CA GLY A 285 11.97 -14.90 2.29
C GLY A 285 12.62 -15.65 3.43
N PHE A 286 13.71 -15.08 3.94
CA PHE A 286 14.40 -15.62 5.10
C PHE A 286 14.45 -14.56 6.17
N GLY A 287 14.87 -13.35 5.77
CA GLY A 287 14.94 -12.22 6.69
C GLY A 287 16.31 -12.06 7.30
N LEU A 288 17.30 -11.75 6.46
CA LEU A 288 18.59 -11.30 6.95
C LEU A 288 18.36 -9.91 7.57
N CYS A 289 19.40 -9.32 8.15
CA CYS A 289 19.29 -8.09 8.94
C CYS A 289 18.99 -8.41 10.40
N SER A 290 17.77 -8.91 10.68
CA SER A 290 17.42 -9.25 12.06
C SER A 290 18.30 -10.38 12.61
N ALA A 291 18.49 -11.42 11.80
CA ALA A 291 19.37 -12.54 12.16
C ALA A 291 20.80 -12.07 12.39
N GLU A 292 21.17 -10.97 11.75
CA GLU A 292 22.52 -10.42 11.86
C GLU A 292 22.76 -9.83 13.25
N GLY A 293 21.70 -9.29 13.85
CA GLY A 293 21.77 -8.70 15.18
C GLY A 293 21.61 -9.73 16.29
N ALA A 294 21.04 -10.88 15.95
CA ALA A 294 20.80 -11.92 16.92
C ALA A 294 22.07 -12.60 17.43
N VAL A 295 23.07 -12.76 16.57
CA VAL A 295 24.33 -13.40 16.96
C VAL A 295 25.18 -12.51 17.89
N LEU A 296 24.77 -11.27 18.04
CA LEU A 296 25.48 -10.32 18.89
C LEU A 296 24.77 -10.15 20.23
N GLY A 297 23.68 -10.89 20.41
CA GLY A 297 22.90 -10.86 21.64
C GLY A 297 22.15 -9.55 21.81
N LYS A 298 21.60 -9.07 20.69
CA LYS A 298 20.74 -7.89 20.67
C LYS A 298 19.28 -8.35 20.61
N PRO A 299 18.39 -7.70 21.38
CA PRO A 299 16.96 -8.02 21.30
C PRO A 299 16.38 -7.68 19.93
N LEU A 300 15.44 -8.49 19.44
CA LEU A 300 14.80 -8.23 18.17
C LEU A 300 13.30 -8.01 18.28
N ILE A 301 12.82 -6.96 17.61
CA ILE A 301 11.41 -6.83 17.29
C ILE A 301 11.30 -7.17 15.80
N ILE A 302 10.52 -8.19 15.48
CA ILE A 302 10.29 -8.56 14.08
C ILE A 302 8.80 -8.77 13.77
N SER A 303 8.43 -8.47 12.53
CA SER A 303 7.11 -8.83 12.02
C SER A 303 7.10 -10.33 11.69
N ALA A 304 6.11 -11.03 12.23
CA ALA A 304 6.02 -12.48 12.05
C ALA A 304 5.58 -12.84 10.62
N VAL A 305 6.46 -12.61 9.65
CA VAL A 305 6.16 -12.84 8.24
C VAL A 305 7.20 -13.75 7.59
N GLY A 306 6.76 -14.46 6.54
CA GLY A 306 7.64 -15.35 5.76
C GLY A 306 8.66 -16.15 6.55
N GLY A 307 9.93 -16.00 6.17
CA GLY A 307 11.04 -16.75 6.77
C GLY A 307 11.38 -16.32 8.19
N ALA A 308 11.15 -15.05 8.51
CA ALA A 308 11.36 -14.55 9.86
C ALA A 308 10.51 -15.30 10.88
N ASP A 309 9.29 -15.66 10.46
CA ASP A 309 8.39 -16.37 11.35
C ASP A 309 8.86 -17.79 11.63
N ASP A 310 9.32 -18.49 10.58
CA ASP A 310 9.86 -19.85 10.68
C ASP A 310 11.16 -19.91 11.49
N TYR A 311 12.00 -18.88 11.36
CA TYR A 311 13.37 -18.93 11.83
C TYR A 311 13.50 -18.66 13.31
N PHE A 312 12.72 -17.72 13.82
CA PHE A 312 12.81 -17.34 15.21
C PHE A 312 11.70 -17.95 16.03
N SER A 313 12.08 -18.49 17.19
CA SER A 313 11.13 -18.90 18.21
C SER A 313 10.45 -17.66 18.76
N GLY A 314 9.14 -17.72 18.90
CA GLY A 314 8.38 -16.65 19.56
C GLY A 314 8.83 -16.33 20.98
N ASP A 315 9.57 -17.24 21.61
CA ASP A 315 10.02 -17.04 22.99
C ASP A 315 11.30 -16.23 23.10
N CYS A 316 12.12 -16.22 22.05
CA CYS A 316 13.41 -15.55 22.14
C CYS A 316 13.38 -14.15 21.50
N VAL A 317 12.22 -13.78 20.97
CA VAL A 317 12.09 -12.63 20.08
C VAL A 317 10.72 -11.99 20.26
N TYR A 318 10.64 -10.68 20.05
CA TYR A 318 9.35 -10.01 20.08
C TYR A 318 8.71 -10.04 18.70
N LYS A 319 7.82 -11.01 18.50
CA LYS A 319 7.13 -11.16 17.22
C LYS A 319 5.87 -10.31 17.21
N ILE A 320 5.65 -9.59 16.12
CA ILE A 320 4.36 -8.95 15.90
C ILE A 320 3.68 -9.63 14.71
N LYS A 321 2.43 -10.06 14.92
CA LYS A 321 1.61 -10.65 13.86
C LYS A 321 1.00 -9.58 12.95
N PRO A 322 0.90 -9.87 11.63
CA PRO A 322 0.17 -8.96 10.77
C PRO A 322 -1.28 -8.80 11.22
N SER A 323 -1.81 -7.59 11.12
CA SER A 323 -3.20 -7.31 11.45
C SER A 323 -4.06 -7.23 10.20
N ALA A 324 -3.45 -6.84 9.08
CA ALA A 324 -4.20 -6.69 7.84
C ALA A 324 -3.40 -7.25 6.65
N TRP A 325 -4.11 -7.62 5.60
CA TRP A 325 -3.47 -8.21 4.42
C TRP A 325 -3.81 -7.42 3.17
N ILE A 326 -2.79 -7.11 2.36
CA ILE A 326 -3.03 -6.35 1.13
C ILE A 326 -2.34 -6.97 -0.07
N SER A 327 -2.93 -6.74 -1.24
CA SER A 327 -2.30 -7.12 -2.50
C SER A 327 -1.05 -6.31 -2.71
N VAL A 328 -0.12 -6.88 -3.47
CA VAL A 328 1.17 -6.28 -3.71
C VAL A 328 1.43 -6.15 -5.22
N ASP A 329 0.45 -6.55 -6.01
CA ASP A 329 0.55 -6.53 -7.48
C ASP A 329 1.03 -5.21 -8.07
N ASP A 330 0.74 -4.10 -7.40
CA ASP A 330 1.16 -2.78 -7.85
C ASP A 330 2.67 -2.53 -7.66
N ARG A 331 3.26 -3.22 -6.70
CA ARG A 331 4.66 -3.08 -6.32
C ARG A 331 5.64 -3.58 -7.40
N ASP A 332 5.30 -4.72 -8.01
CA ASP A 332 6.24 -5.50 -8.79
C ASP A 332 5.53 -6.32 -9.87
N GLY A 333 6.31 -6.88 -10.79
CA GLY A 333 5.79 -7.88 -11.71
C GLY A 333 5.51 -9.21 -11.04
N ILE A 334 6.09 -9.42 -9.86
CA ILE A 334 5.93 -10.67 -9.10
C ILE A 334 4.61 -10.67 -8.35
N GLY A 335 4.32 -9.58 -7.66
CA GLY A 335 3.07 -9.41 -6.95
C GLY A 335 2.88 -10.39 -5.81
N GLY A 336 1.63 -10.52 -5.35
CA GLY A 336 1.32 -11.38 -4.22
C GLY A 336 0.47 -10.67 -3.19
N ILE A 337 0.37 -11.25 -2.01
CA ILE A 337 -0.25 -10.59 -0.88
C ILE A 337 0.73 -10.59 0.27
N GLU A 338 0.69 -9.53 1.07
CA GLU A 338 1.59 -9.39 2.21
C GLU A 338 0.85 -8.89 3.44
N GLY A 339 1.36 -9.26 4.61
CA GLY A 339 0.74 -8.92 5.87
C GLY A 339 1.40 -7.70 6.49
N ILE A 340 0.56 -6.86 7.10
CA ILE A 340 1.00 -5.59 7.65
C ILE A 340 0.72 -5.54 9.16
N ILE A 341 1.73 -5.17 9.93
CA ILE A 341 1.58 -5.08 11.38
C ILE A 341 0.91 -3.78 11.76
N ASP A 342 0.24 -3.78 12.92
CA ASP A 342 -0.37 -2.57 13.44
C ASP A 342 0.72 -1.68 14.04
N VAL A 343 0.63 -0.40 13.72
CA VAL A 343 1.59 0.61 14.19
C VAL A 343 1.60 0.70 15.72
N ASP A 344 0.43 0.53 16.34
CA ASP A 344 0.30 0.59 17.81
C ASP A 344 0.94 -0.62 18.49
N ASP A 345 1.00 -1.73 17.77
CA ASP A 345 1.67 -2.94 18.26
C ASP A 345 3.17 -2.71 18.32
N LEU A 346 3.71 -1.97 17.36
CA LEU A 346 5.14 -1.68 17.31
C LEU A 346 5.53 -0.74 18.44
N VAL A 347 4.60 0.14 18.82
CA VAL A 347 4.77 1.03 19.97
C VAL A 347 4.91 0.18 21.23
N GLU A 348 3.95 -0.74 21.44
CA GLU A 348 4.00 -1.68 22.56
C GLU A 348 5.37 -2.35 22.65
N ALA A 349 5.91 -2.74 21.49
CA ALA A 349 7.22 -3.34 21.39
C ALA A 349 8.34 -2.41 21.82
N PHE A 350 8.28 -1.15 21.37
CA PHE A 350 9.28 -0.15 21.72
C PHE A 350 9.30 0.12 23.22
N THR A 351 8.11 0.24 23.81
CA THR A 351 8.01 0.47 25.24
C THR A 351 8.42 -0.76 26.06
N PHE A 352 8.27 -1.95 25.48
CA PHE A 352 8.69 -3.18 26.13
C PHE A 352 10.21 -3.24 26.26
N PHE A 353 10.91 -2.70 25.26
CA PHE A 353 12.37 -2.76 25.23
C PHE A 353 13.07 -1.49 25.71
N LYS A 354 12.30 -0.50 26.17
CA LYS A 354 12.90 0.66 26.82
C LYS A 354 13.41 0.28 28.23
N ASP A 355 12.86 -0.81 28.79
CA ASP A 355 13.38 -1.39 30.02
C ASP A 355 14.58 -2.29 29.71
N GLU A 356 15.68 -2.06 30.43
CA GLU A 356 16.93 -2.74 30.12
C GLU A 356 16.95 -4.22 30.53
N LYS A 357 16.18 -4.57 31.56
CA LYS A 357 16.11 -5.97 32.02
C LYS A 357 15.47 -6.88 30.96
N ASN A 358 14.64 -6.31 30.11
CA ASN A 358 14.06 -7.04 28.98
C ASN A 358 15.05 -7.22 27.84
N ARG A 359 15.87 -6.20 27.60
CA ARG A 359 16.92 -6.23 26.59
C ARG A 359 18.00 -7.25 26.92
N LYS A 360 18.41 -7.29 28.19
CA LYS A 360 19.40 -8.26 28.65
C LYS A 360 18.89 -9.70 28.51
N GLU A 361 17.62 -9.89 28.86
CA GLU A 361 17.00 -11.22 28.85
C GLU A 361 16.84 -11.75 27.43
N TYR A 362 16.17 -10.97 26.58
CA TYR A 362 15.88 -11.37 25.21
C TYR A 362 17.12 -11.38 24.32
N GLY A 363 18.09 -10.54 24.66
CA GLY A 363 19.40 -10.57 24.01
C GLY A 363 20.08 -11.92 24.21
N LYS A 364 20.17 -12.35 25.48
CA LYS A 364 20.74 -13.65 25.83
C LYS A 364 19.96 -14.80 25.18
N ARG A 365 18.63 -14.66 25.14
CA ARG A 365 17.77 -15.66 24.51
C ARG A 365 18.07 -15.89 23.03
N VAL A 366 18.17 -14.82 22.22
CA VAL A 366 18.47 -15.00 20.79
C VAL A 366 19.87 -15.53 20.52
N GLN A 367 20.86 -15.00 21.23
CA GLN A 367 22.22 -15.47 21.02
C GLN A 367 22.32 -16.98 21.26
N ASP A 368 21.67 -17.46 22.31
CA ASP A 368 21.68 -18.89 22.64
C ASP A 368 20.92 -19.75 21.64
N PHE A 369 19.86 -19.18 21.05
CA PHE A 369 18.98 -19.89 20.13
C PHE A 369 19.56 -19.96 18.72
N VAL A 370 20.03 -18.83 18.23
CA VAL A 370 20.63 -18.73 16.92
C VAL A 370 21.94 -19.53 16.86
N LYS A 371 22.53 -19.77 18.04
CA LYS A 371 23.71 -20.62 18.21
C LYS A 371 23.43 -22.03 17.70
N THR A 372 22.26 -22.57 18.07
CA THR A 372 21.87 -23.93 17.70
C THR A 372 21.48 -24.10 16.22
N LYS A 373 21.42 -22.99 15.47
CA LYS A 373 21.07 -23.03 14.03
C LYS A 373 22.16 -23.71 13.19
N PRO A 374 21.82 -24.10 11.94
CA PRO A 374 22.80 -24.67 11.00
C PRO A 374 23.74 -23.61 10.42
N THR A 375 25.03 -23.91 10.42
CA THR A 375 26.06 -23.03 9.85
C THR A 375 26.04 -23.06 8.31
N TRP A 376 26.92 -22.28 7.69
CA TRP A 376 27.06 -22.29 6.23
C TRP A 376 27.54 -23.65 5.72
N ASP A 377 28.46 -24.26 6.44
CA ASP A 377 29.01 -25.58 6.09
C ASP A 377 27.95 -26.67 6.15
N ASP A 378 27.06 -26.57 7.15
CA ASP A 378 25.90 -27.45 7.24
C ASP A 378 24.95 -27.25 6.06
N ILE A 379 24.80 -25.99 5.64
CA ILE A 379 23.93 -25.62 4.52
C ILE A 379 24.54 -26.05 3.17
N SER A 380 25.83 -25.77 2.98
CA SER A 380 26.52 -26.11 1.75
C SER A 380 26.53 -27.62 1.53
N SER A 381 26.76 -28.37 2.61
CA SER A 381 26.75 -29.83 2.55
C SER A 381 25.37 -30.36 2.18
N ASP A 382 24.32 -29.71 2.70
CA ASP A 382 22.95 -30.09 2.37
C ASP A 382 22.65 -29.82 0.90
N ILE A 383 23.20 -28.73 0.37
CA ILE A 383 23.05 -28.38 -1.04
C ILE A 383 23.63 -29.47 -1.93
N ILE A 384 24.86 -29.87 -1.62
CA ILE A 384 25.58 -30.86 -2.42
C ILE A 384 24.97 -32.27 -2.30
N ASP A 385 24.38 -32.57 -1.15
CA ASP A 385 23.61 -33.80 -0.95
C ASP A 385 22.42 -33.86 -1.91
N PHE A 386 21.69 -32.75 -1.99
CA PHE A 386 20.51 -32.59 -2.83
C PHE A 386 20.84 -32.82 -4.31
N PHE A 387 21.96 -32.26 -4.78
CA PHE A 387 22.39 -32.42 -6.17
C PHE A 387 22.76 -33.86 -6.50
N ASN A 388 23.47 -34.53 -5.60
CA ASN A 388 23.82 -35.94 -5.78
C ASN A 388 22.60 -36.82 -5.88
N SER A 389 21.61 -36.52 -5.04
CA SER A 389 20.34 -37.23 -5.03
C SER A 389 19.61 -37.12 -6.37
N LEU A 390 19.75 -35.98 -7.03
CA LEU A 390 19.08 -35.73 -8.31
C LEU A 390 19.84 -36.30 -9.52
N LEU A 391 21.12 -36.59 -9.35
CA LEU A 391 21.94 -37.14 -10.43
C LEU A 391 21.82 -38.67 -10.51
N ARG A 392 22.11 -39.35 -9.39
CA ARG A 392 22.02 -40.80 -9.30
C ARG A 392 21.70 -41.17 -7.85
N MET B 1 -25.58 39.43 -0.70
CA MET B 1 -24.14 39.56 -1.08
C MET B 1 -23.88 38.94 -2.46
N LYS B 2 -22.79 39.38 -3.10
CA LYS B 2 -22.34 38.83 -4.37
C LYS B 2 -21.32 37.72 -4.11
N LEU B 3 -21.69 36.49 -4.45
CA LEU B 3 -20.85 35.32 -4.18
C LEU B 3 -20.24 34.78 -5.46
N ILE B 4 -18.96 34.42 -5.40
CA ILE B 4 -18.29 33.70 -6.47
C ILE B 4 -17.95 32.29 -6.00
N ILE B 5 -18.47 31.29 -6.69
CA ILE B 5 -18.15 29.90 -6.39
C ILE B 5 -17.21 29.35 -7.46
N VAL B 6 -16.02 28.93 -7.01
CA VAL B 6 -15.03 28.33 -7.89
C VAL B 6 -15.05 26.81 -7.67
N GLY B 7 -15.67 26.10 -8.61
CA GLY B 7 -15.81 24.65 -8.53
C GLY B 7 -16.26 24.01 -9.83
N ALA B 8 -16.53 22.71 -9.78
CA ALA B 8 -16.91 21.92 -10.96
C ALA B 8 -18.13 22.47 -11.69
N HIS B 9 -18.07 22.46 -13.02
CA HIS B 9 -19.16 22.92 -13.88
C HIS B 9 -20.36 21.97 -13.75
N SER B 10 -21.56 22.50 -14.05
CA SER B 10 -22.80 21.75 -13.90
C SER B 10 -22.95 20.59 -14.90
N SER B 11 -22.14 20.62 -15.97
CA SER B 11 -22.15 19.57 -16.98
C SER B 11 -21.34 18.34 -16.57
N VAL B 12 -20.44 18.53 -15.61
CA VAL B 12 -19.54 17.46 -15.15
C VAL B 12 -20.31 16.39 -14.36
N PRO B 13 -20.29 15.13 -14.85
CA PRO B 13 -20.96 14.03 -14.15
C PRO B 13 -20.04 13.35 -13.14
N SER B 14 -19.51 14.13 -12.20
CA SER B 14 -18.62 13.63 -11.15
C SER B 14 -19.25 13.82 -9.77
N GLY B 15 -18.52 13.40 -8.73
CA GLY B 15 -18.93 13.62 -7.35
C GLY B 15 -19.09 15.10 -7.03
N TYR B 16 -18.11 15.89 -7.46
CA TYR B 16 -18.13 17.35 -7.29
C TYR B 16 -19.28 17.99 -8.09
N GLY B 17 -19.42 17.57 -9.35
CA GLY B 17 -20.47 18.07 -10.22
C GLY B 17 -21.87 17.74 -9.72
N ARG B 18 -21.99 16.60 -9.04
CA ARG B 18 -23.25 16.16 -8.44
C ARG B 18 -23.75 17.18 -7.41
N VAL B 19 -22.86 17.66 -6.56
CA VAL B 19 -23.23 18.59 -5.50
C VAL B 19 -23.38 20.02 -6.01
N MET B 20 -22.67 20.35 -7.09
CA MET B 20 -22.72 21.69 -7.70
C MET B 20 -24.02 21.93 -8.45
N ARG B 21 -24.62 20.85 -8.97
CA ARG B 21 -25.93 20.91 -9.61
C ARG B 21 -27.04 21.13 -8.58
N ALA B 22 -26.75 20.76 -7.34
CA ALA B 22 -27.72 20.81 -6.26
C ALA B 22 -27.58 22.07 -5.40
N ILE B 23 -26.35 22.44 -5.06
CA ILE B 23 -26.08 23.51 -4.10
C ILE B 23 -26.24 24.93 -4.68
N VAL B 24 -25.92 25.11 -5.95
CA VAL B 24 -25.93 26.42 -6.60
C VAL B 24 -27.33 27.02 -6.82
N PRO B 25 -28.29 26.22 -7.34
CA PRO B 25 -29.63 26.80 -7.58
C PRO B 25 -30.36 27.12 -6.28
N ARG B 26 -29.92 26.52 -5.18
CA ARG B 26 -30.51 26.73 -3.86
C ARG B 26 -30.00 27.99 -3.16
N ILE B 27 -28.75 28.37 -3.44
CA ILE B 27 -28.19 29.63 -2.92
C ILE B 27 -28.59 30.81 -3.82
N SER B 28 -29.07 30.50 -5.02
CA SER B 28 -29.53 31.51 -5.98
C SER B 28 -30.70 32.33 -5.46
N LYS B 29 -31.54 31.71 -4.65
CA LYS B 29 -32.70 32.37 -4.03
C LYS B 29 -32.35 33.03 -2.69
N ALA B 30 -31.08 32.94 -2.30
CA ALA B 30 -30.60 33.52 -1.04
C ALA B 30 -29.61 34.67 -1.27
N HIS B 31 -28.72 34.50 -2.25
CA HIS B 31 -27.73 35.52 -2.61
C HIS B 31 -27.48 35.53 -4.11
N GLU B 32 -26.93 36.64 -4.59
CA GLU B 32 -26.50 36.76 -5.99
C GLU B 32 -25.26 35.91 -6.21
N VAL B 33 -25.41 34.83 -6.98
CA VAL B 33 -24.33 33.87 -7.19
C VAL B 33 -23.89 33.77 -8.66
N ILE B 34 -22.58 33.88 -8.87
CA ILE B 34 -21.97 33.65 -10.18
C ILE B 34 -20.84 32.62 -10.07
N VAL B 35 -20.82 31.66 -11.00
CA VAL B 35 -19.99 30.47 -10.86
C VAL B 35 -18.79 30.45 -11.81
N PHE B 36 -17.66 29.97 -11.29
CA PHE B 36 -16.47 29.71 -12.09
C PHE B 36 -16.39 28.20 -12.36
N GLY B 37 -17.17 27.74 -13.34
CA GLY B 37 -17.27 26.32 -13.67
C GLY B 37 -16.09 25.77 -14.43
N ILE B 38 -15.56 24.65 -13.94
CA ILE B 38 -14.36 24.03 -14.54
C ILE B 38 -14.62 22.63 -15.10
N HIS B 39 -13.81 22.24 -16.08
CA HIS B 39 -13.91 20.94 -16.77
C HIS B 39 -15.23 20.73 -17.49
N ALA B 40 -15.78 21.81 -18.05
CA ALA B 40 -17.08 21.78 -18.70
C ALA B 40 -17.13 20.83 -19.90
N PHE B 41 -18.04 19.87 -19.84
CA PHE B 41 -18.24 18.88 -20.90
C PHE B 41 -19.21 19.35 -21.98
N GLY B 42 -20.15 20.19 -21.58
CA GLY B 42 -21.15 20.74 -22.51
C GLY B 42 -21.72 22.06 -22.05
N ARG B 43 -23.01 22.27 -22.32
CA ARG B 43 -23.70 23.52 -21.97
C ARG B 43 -24.10 23.55 -20.49
N SER B 44 -24.49 24.74 -20.03
CA SER B 44 -24.92 24.96 -18.64
C SER B 44 -26.31 24.37 -18.40
N VAL B 45 -26.44 23.61 -17.32
CA VAL B 45 -27.72 23.00 -16.92
C VAL B 45 -28.69 24.08 -16.42
N HIS B 46 -28.16 25.08 -15.72
CA HIS B 46 -28.95 26.20 -15.23
C HIS B 46 -29.25 27.20 -16.35
N ALA B 47 -30.45 27.75 -16.34
CA ALA B 47 -30.90 28.66 -17.38
C ALA B 47 -30.76 30.14 -17.02
N ASN B 48 -30.72 30.44 -15.72
CA ASN B 48 -30.73 31.82 -15.25
C ASN B 48 -29.41 32.33 -14.64
N ILE B 49 -28.85 31.58 -13.68
CA ILE B 49 -27.64 32.02 -12.99
C ILE B 49 -26.41 32.04 -13.90
N GLU B 50 -25.56 33.04 -13.71
CA GLU B 50 -24.37 33.22 -14.54
C GLU B 50 -23.28 32.20 -14.20
N GLU B 51 -22.76 31.55 -15.24
CA GLU B 51 -21.69 30.56 -15.09
C GLU B 51 -20.62 30.77 -16.16
N PHE B 52 -19.36 30.76 -15.71
CA PHE B 52 -18.21 30.94 -16.60
C PHE B 52 -17.65 29.57 -17.03
N ASP B 53 -17.53 29.37 -18.33
CA ASP B 53 -16.95 28.16 -18.89
C ASP B 53 -15.43 28.33 -18.93
N ALA B 54 -14.76 27.77 -17.91
CA ALA B 54 -13.31 27.95 -17.74
C ALA B 54 -12.45 27.09 -18.67
N GLN B 55 -13.00 25.98 -19.14
CA GLN B 55 -12.28 25.08 -20.06
C GLN B 55 -12.20 25.65 -21.47
N THR B 56 -13.30 26.20 -21.96
CA THR B 56 -13.35 26.77 -23.32
C THR B 56 -12.55 28.08 -23.41
N ALA B 57 -12.63 28.90 -22.36
CA ALA B 57 -11.86 30.15 -22.28
C ALA B 57 -10.36 29.87 -22.27
N GLU B 58 -9.99 28.75 -21.65
CA GLU B 58 -8.62 28.25 -21.63
C GLU B 58 -8.19 27.81 -23.03
N HIS B 59 -9.12 27.18 -23.76
CA HIS B 59 -8.89 26.74 -25.14
C HIS B 59 -8.80 27.91 -26.11
N VAL B 60 -9.55 28.98 -25.83
CA VAL B 60 -9.55 30.19 -26.64
C VAL B 60 -8.24 30.97 -26.50
N ARG B 61 -7.78 31.14 -25.27
CA ARG B 61 -6.55 31.88 -24.98
C ARG B 61 -5.29 31.06 -25.33
N GLY B 62 -5.48 29.76 -25.56
CA GLY B 62 -4.40 28.89 -26.03
C GLY B 62 -3.59 28.26 -24.91
N LEU B 63 -4.28 27.69 -23.93
CA LEU B 63 -3.64 27.04 -22.79
C LEU B 63 -4.17 25.62 -22.58
N ASN B 64 -3.36 24.79 -21.91
CA ASN B 64 -3.78 23.45 -21.50
C ASN B 64 -3.56 23.19 -20.01
N GLU B 65 -4.11 24.08 -19.18
CA GLU B 65 -3.97 24.01 -17.73
C GLU B 65 -4.93 22.98 -17.10
N GLN B 66 -5.13 21.87 -17.82
CA GLN B 66 -5.97 20.74 -17.40
C GLN B 66 -7.46 21.04 -17.23
N GLY B 67 -7.87 22.27 -17.55
CA GLY B 67 -9.27 22.68 -17.46
C GLY B 67 -9.61 23.53 -16.26
N PHE B 68 -8.65 23.65 -15.33
CA PHE B 68 -8.84 24.44 -14.12
C PHE B 68 -8.80 25.94 -14.39
N TYR B 69 -7.94 26.35 -15.33
CA TYR B 69 -7.78 27.75 -15.74
C TYR B 69 -7.45 28.69 -14.57
N TYR B 70 -6.23 28.55 -14.05
CA TYR B 70 -5.76 29.35 -12.92
C TYR B 70 -5.39 30.78 -13.34
N SER B 71 -4.83 30.92 -14.54
CA SER B 71 -4.30 32.19 -15.04
C SER B 71 -5.37 33.27 -15.29
N GLY B 72 -6.62 32.86 -15.46
CA GLY B 72 -7.70 33.79 -15.76
C GLY B 72 -8.60 34.14 -14.58
N LEU B 73 -8.33 33.52 -13.44
CA LEU B 73 -9.11 33.79 -12.22
C LEU B 73 -8.81 35.17 -11.63
N SER B 74 -7.58 35.65 -11.84
CA SER B 74 -7.17 36.98 -11.40
C SER B 74 -7.99 38.08 -12.07
N GLU B 75 -8.13 37.99 -13.39
CA GLU B 75 -8.91 38.95 -14.18
C GLU B 75 -10.41 38.83 -13.91
N PHE B 76 -10.85 37.62 -13.58
CA PHE B 76 -12.27 37.32 -13.37
C PHE B 76 -12.85 37.96 -12.09
N ILE B 77 -12.08 37.90 -11.00
CA ILE B 77 -12.51 38.43 -9.70
C ILE B 77 -12.51 39.96 -9.68
N ASP B 78 -11.56 40.55 -10.40
CA ASP B 78 -11.41 42.01 -10.48
C ASP B 78 -12.62 42.72 -11.08
N VAL B 79 -13.31 42.04 -11.99
CA VAL B 79 -14.50 42.58 -12.64
C VAL B 79 -15.75 42.33 -11.80
N HIS B 80 -15.86 41.12 -11.25
CA HIS B 80 -17.06 40.71 -10.51
C HIS B 80 -17.06 41.11 -9.04
N LYS B 81 -15.91 41.59 -8.54
CA LYS B 81 -15.76 42.15 -7.19
C LYS B 81 -16.69 41.53 -6.13
N PRO B 82 -16.40 40.28 -5.72
CA PRO B 82 -17.28 39.55 -4.81
C PRO B 82 -17.09 39.87 -3.33
N ASP B 83 -18.10 39.55 -2.53
CA ASP B 83 -17.99 39.62 -1.07
C ASP B 83 -17.32 38.37 -0.52
N ILE B 84 -17.60 37.23 -1.15
CA ILE B 84 -17.03 35.94 -0.74
C ILE B 84 -16.66 35.05 -1.93
N VAL B 85 -15.46 34.47 -1.89
CA VAL B 85 -15.00 33.49 -2.88
C VAL B 85 -14.89 32.11 -2.25
N MET B 86 -15.60 31.14 -2.84
CA MET B 86 -15.58 29.75 -2.36
C MET B 86 -14.75 28.87 -3.29
N ILE B 87 -13.85 28.07 -2.69
CA ILE B 87 -13.04 27.12 -3.45
C ILE B 87 -13.34 25.68 -3.01
N TYR B 88 -13.63 24.81 -3.99
CA TYR B 88 -14.11 23.45 -3.71
C TYR B 88 -13.39 22.39 -4.55
N ASN B 89 -12.36 21.79 -3.96
CA ASN B 89 -11.62 20.67 -4.56
C ASN B 89 -10.68 20.02 -3.54
N ASP B 90 -9.68 19.29 -4.02
CA ASP B 90 -8.69 18.65 -3.15
C ASP B 90 -7.48 19.59 -2.94
N PRO B 91 -6.83 19.48 -1.76
CA PRO B 91 -5.68 20.28 -1.32
C PRO B 91 -4.80 20.89 -2.44
N ILE B 92 -4.43 20.08 -3.42
CA ILE B 92 -3.54 20.49 -4.51
C ILE B 92 -4.14 21.66 -5.32
N VAL B 93 -5.38 21.46 -5.75
CA VAL B 93 -6.08 22.40 -6.64
C VAL B 93 -6.30 23.76 -5.97
N ILE B 94 -6.68 23.76 -4.69
CA ILE B 94 -6.82 25.00 -3.91
C ILE B 94 -5.49 25.73 -3.82
N GLY B 95 -4.41 24.96 -3.61
CA GLY B 95 -3.05 25.49 -3.54
C GLY B 95 -2.63 26.26 -4.77
N ASN B 96 -3.08 25.80 -5.94
CA ASN B 96 -2.80 26.49 -7.20
C ASN B 96 -3.71 27.71 -7.42
N TYR B 97 -4.95 27.62 -6.93
CA TYR B 97 -5.92 28.73 -7.04
C TYR B 97 -5.52 29.94 -6.21
N LEU B 98 -5.14 29.70 -4.95
CA LEU B 98 -4.73 30.79 -4.05
C LEU B 98 -3.41 31.44 -4.48
N LEU B 99 -2.57 30.64 -5.15
CA LEU B 99 -1.31 31.10 -5.72
C LEU B 99 -1.57 31.97 -6.96
N ALA B 100 -2.65 31.67 -7.67
CA ALA B 100 -3.04 32.40 -8.88
C ALA B 100 -3.65 33.77 -8.56
N MET B 101 -4.47 33.82 -7.52
CA MET B 101 -5.13 35.07 -7.11
C MET B 101 -4.41 35.79 -5.95
N GLY B 102 -3.11 35.56 -5.85
CA GLY B 102 -2.27 36.26 -4.87
C GLY B 102 -2.07 37.72 -5.27
N LYS B 103 -2.22 38.00 -6.56
CA LYS B 103 -2.11 39.35 -7.11
C LYS B 103 -3.44 39.75 -7.75
N CYS B 104 -4.51 39.63 -6.96
CA CYS B 104 -5.89 39.84 -7.44
C CYS B 104 -6.43 41.18 -6.92
N SER B 105 -6.95 42.01 -7.83
CA SER B 105 -7.34 43.39 -7.51
C SER B 105 -8.36 43.56 -6.38
N HIS B 106 -9.40 42.74 -6.38
CA HIS B 106 -10.44 42.88 -5.36
C HIS B 106 -10.04 42.22 -4.04
N ARG B 107 -10.26 42.95 -2.95
CA ARG B 107 -10.03 42.43 -1.61
C ARG B 107 -11.24 41.60 -1.17
N THR B 108 -11.25 40.33 -1.56
CA THR B 108 -12.36 39.43 -1.27
C THR B 108 -12.16 38.71 0.07
N LYS B 109 -13.16 37.92 0.47
CA LYS B 109 -13.11 37.14 1.70
C LYS B 109 -13.30 35.65 1.39
N ILE B 110 -12.20 34.90 1.44
CA ILE B 110 -12.17 33.53 0.94
C ILE B 110 -12.72 32.48 1.91
N VAL B 111 -13.48 31.54 1.36
CA VAL B 111 -14.02 30.39 2.10
C VAL B 111 -13.57 29.10 1.39
N LEU B 112 -13.09 28.15 2.17
CA LEU B 112 -12.63 26.87 1.62
C LEU B 112 -13.62 25.74 1.87
N TYR B 113 -13.78 24.88 0.87
CA TYR B 113 -14.56 23.64 1.01
C TYR B 113 -13.69 22.49 0.49
N VAL B 114 -12.86 21.96 1.37
CA VAL B 114 -11.82 20.98 1.00
C VAL B 114 -12.32 19.54 0.87
N ASP B 115 -11.82 18.86 -0.16
CA ASP B 115 -12.03 17.43 -0.33
C ASP B 115 -10.91 16.66 0.35
N LEU B 116 -11.11 16.36 1.63
CA LEU B 116 -10.13 15.61 2.42
C LEU B 116 -10.56 14.16 2.56
N VAL B 117 -9.59 13.26 2.39
CA VAL B 117 -9.88 11.83 2.32
C VAL B 117 -8.94 11.01 3.22
N SER B 118 -7.80 11.60 3.59
CA SER B 118 -6.81 10.95 4.44
C SER B 118 -6.28 11.91 5.51
N LYS B 119 -5.92 11.38 6.68
CA LYS B 119 -5.28 12.15 7.73
C LYS B 119 -3.82 12.41 7.36
N ASN B 120 -3.25 13.45 7.98
CA ASN B 120 -1.82 13.78 7.84
C ASN B 120 -1.37 14.05 6.41
N ILE B 121 -2.13 14.88 5.69
CA ILE B 121 -1.76 15.33 4.34
C ILE B 121 -0.42 16.07 4.39
N ARG B 122 0.33 16.04 3.28
CA ARG B 122 1.67 16.64 3.22
C ARG B 122 1.75 18.10 3.71
N GLU B 123 2.89 18.42 4.33
CA GLU B 123 3.09 19.72 5.00
C GLU B 123 3.02 20.91 4.04
N ASN B 124 3.55 20.71 2.84
CA ASN B 124 3.57 21.76 1.80
C ASN B 124 2.19 22.13 1.26
N LEU B 125 1.14 21.75 1.99
CA LEU B 125 -0.23 22.03 1.60
C LEU B 125 -1.06 22.65 2.73
N TRP B 126 -0.53 22.63 3.95
CA TRP B 126 -1.23 23.15 5.13
C TRP B 126 -1.41 24.67 5.13
N TRP B 127 -0.58 25.35 4.35
CA TRP B 127 -0.57 26.81 4.25
C TRP B 127 -1.90 27.42 3.77
N ILE B 128 -2.69 26.63 3.05
CA ILE B 128 -3.99 27.08 2.54
C ILE B 128 -5.02 27.35 3.65
N PHE B 129 -4.90 26.63 4.76
CA PHE B 129 -5.80 26.80 5.91
C PHE B 129 -5.39 27.97 6.82
N SER B 130 -4.11 28.36 6.74
CA SER B 130 -3.60 29.49 7.51
C SER B 130 -3.58 30.77 6.68
N HIS B 131 -3.87 30.62 5.38
CA HIS B 131 -3.92 31.73 4.43
C HIS B 131 -4.59 32.96 5.06
N PRO B 132 -3.86 34.08 5.16
CA PRO B 132 -4.34 35.28 5.85
C PRO B 132 -5.61 35.88 5.25
N LYS B 133 -6.05 35.33 4.12
CA LYS B 133 -7.21 35.83 3.40
C LYS B 133 -8.45 34.96 3.62
N VAL B 134 -8.23 33.68 3.94
CA VAL B 134 -9.31 32.74 4.23
C VAL B 134 -9.93 33.01 5.61
N VAL B 135 -11.21 33.36 5.62
CA VAL B 135 -11.92 33.74 6.86
C VAL B 135 -12.89 32.64 7.30
N GLY B 136 -13.13 31.65 6.43
CA GLY B 136 -14.02 30.54 6.76
C GLY B 136 -13.63 29.25 6.08
N VAL B 137 -13.84 28.14 6.77
CA VAL B 137 -13.54 26.82 6.24
C VAL B 137 -14.76 25.90 6.34
N MET B 138 -15.03 25.16 5.27
CA MET B 138 -16.11 24.19 5.22
C MET B 138 -15.56 22.76 5.08
N ALA B 139 -15.95 21.90 6.00
CA ALA B 139 -15.53 20.50 6.00
C ALA B 139 -16.70 19.62 5.61
N MET B 140 -16.40 18.41 5.10
CA MET B 140 -17.45 17.47 4.72
C MET B 140 -17.97 16.66 5.90
N SER B 141 -17.16 16.57 6.96
CA SER B 141 -17.53 15.82 8.15
C SER B 141 -16.91 16.35 9.43
N LYS B 142 -17.45 15.91 10.56
CA LYS B 142 -17.00 16.28 11.90
C LYS B 142 -15.56 15.83 12.17
N CYS B 143 -15.15 14.73 11.53
CA CYS B 143 -13.84 14.12 11.74
C CYS B 143 -12.68 14.98 11.24
N TRP B 144 -12.95 15.82 10.24
CA TRP B 144 -11.90 16.63 9.62
C TRP B 144 -11.62 17.92 10.38
N ILE B 145 -12.53 18.29 11.28
CA ILE B 145 -12.37 19.51 12.09
C ILE B 145 -11.04 19.51 12.85
N SER B 146 -10.78 18.47 13.64
CA SER B 146 -9.56 18.36 14.42
C SER B 146 -8.30 18.44 13.55
N ASP B 147 -8.35 17.80 12.38
CA ASP B 147 -7.26 17.84 11.42
C ASP B 147 -7.02 19.25 10.90
N ILE B 148 -8.08 19.87 10.38
CA ILE B 148 -8.00 21.23 9.84
C ILE B 148 -7.47 22.19 10.92
N CYS B 149 -7.87 21.96 12.17
CA CYS B 149 -7.36 22.73 13.31
C CYS B 149 -5.88 22.46 13.59
N ASN B 150 -5.45 21.22 13.35
CA ASN B 150 -4.04 20.85 13.48
C ASN B 150 -3.17 21.42 12.37
N TYR B 151 -3.77 21.65 11.19
CA TYR B 151 -3.06 22.23 10.05
C TYR B 151 -2.89 23.75 10.18
N GLY B 152 -3.19 24.29 11.36
CA GLY B 152 -3.02 25.71 11.65
C GLY B 152 -4.12 26.56 11.04
N CYS B 153 -5.32 26.45 11.58
CA CYS B 153 -6.48 27.16 11.08
C CYS B 153 -7.21 27.90 12.20
N LYS B 154 -7.05 29.24 12.21
CA LYS B 154 -7.53 30.07 13.30
C LYS B 154 -8.92 30.66 13.03
N VAL B 155 -9.56 30.20 11.94
CA VAL B 155 -10.87 30.72 11.53
C VAL B 155 -12.00 29.69 11.75
N PRO B 156 -13.26 30.16 11.85
CA PRO B 156 -14.44 29.29 12.05
C PRO B 156 -14.58 28.18 11.02
N ILE B 157 -14.84 26.97 11.52
CA ILE B 157 -14.99 25.77 10.69
C ILE B 157 -16.42 25.26 10.74
N ASN B 158 -17.04 25.09 9.58
CA ASN B 158 -18.44 24.68 9.47
C ASN B 158 -18.65 23.38 8.71
N ILE B 159 -19.47 22.50 9.29
CA ILE B 159 -19.74 21.18 8.72
C ILE B 159 -20.75 21.26 7.57
N VAL B 160 -20.30 20.85 6.38
CA VAL B 160 -21.14 20.82 5.17
C VAL B 160 -21.09 19.41 4.55
N SER B 161 -21.99 18.55 4.99
CA SER B 161 -22.07 17.18 4.47
C SER B 161 -22.81 17.14 3.12
N HIS B 162 -23.24 15.95 2.71
CA HIS B 162 -23.96 15.79 1.45
C HIS B 162 -25.25 15.00 1.64
N PHE B 163 -26.19 15.19 0.72
CA PHE B 163 -27.42 14.42 0.66
C PHE B 163 -27.44 13.68 -0.67
N VAL B 164 -28.11 12.52 -0.71
CA VAL B 164 -28.17 11.74 -1.93
C VAL B 164 -29.55 11.11 -2.16
N ASP B 165 -29.91 10.96 -3.43
CA ASP B 165 -31.22 10.43 -3.80
C ASP B 165 -31.16 9.56 -5.05
N THR B 166 -31.21 8.24 -4.84
CA THR B 166 -31.24 7.27 -5.93
C THR B 166 -32.67 6.81 -6.23
N LYS B 167 -32.97 6.72 -7.52
CA LYS B 167 -34.27 6.25 -8.01
C LYS B 167 -34.57 4.84 -7.49
N THR B 168 -35.77 4.64 -6.96
CA THR B 168 -36.19 3.32 -6.51
C THR B 168 -36.92 2.56 -7.64
N ILE B 169 -36.24 1.55 -8.18
CA ILE B 169 -36.72 0.82 -9.36
C ILE B 169 -37.13 -0.62 -9.03
N TYR B 170 -38.39 -0.93 -9.28
CA TYR B 170 -38.96 -2.26 -9.07
C TYR B 170 -38.55 -3.19 -10.22
N ASP B 171 -38.34 -4.47 -9.89
CA ASP B 171 -37.94 -5.49 -10.87
C ASP B 171 -36.57 -5.18 -11.51
N ALA B 172 -35.64 -4.72 -10.68
CA ALA B 172 -34.32 -4.28 -11.15
C ALA B 172 -33.41 -5.43 -11.56
N ARG B 173 -33.51 -6.55 -10.84
CA ARG B 173 -32.80 -7.79 -11.14
C ARG B 173 -32.82 -8.14 -12.64
N LYS B 174 -34.03 -8.29 -13.18
CA LYS B 174 -34.22 -8.68 -14.58
C LYS B 174 -33.74 -7.60 -15.55
N LEU B 175 -34.00 -6.33 -15.22
CA LEU B 175 -33.71 -5.21 -16.12
C LEU B 175 -32.21 -5.00 -16.44
N VAL B 176 -31.33 -5.34 -15.50
CA VAL B 176 -29.88 -5.28 -15.75
C VAL B 176 -29.32 -6.61 -16.27
N GLY B 177 -30.21 -7.53 -16.62
CA GLY B 177 -29.83 -8.84 -17.15
C GLY B 177 -29.18 -9.77 -16.15
N LEU B 178 -29.66 -9.72 -14.89
CA LEU B 178 -29.18 -10.62 -13.84
C LEU B 178 -30.20 -11.72 -13.53
N SER B 179 -31.14 -11.90 -14.45
CA SER B 179 -32.23 -12.87 -14.32
C SER B 179 -31.79 -14.29 -13.93
N GLU B 180 -30.65 -14.71 -14.45
CA GLU B 180 -30.08 -16.03 -14.16
C GLU B 180 -29.69 -16.20 -12.69
N TYR B 181 -29.39 -15.10 -12.02
CA TYR B 181 -28.88 -15.12 -10.64
C TYR B 181 -29.95 -14.78 -9.60
N ASN B 182 -31.22 -15.05 -9.93
CA ASN B 182 -32.35 -14.77 -9.05
C ASN B 182 -32.27 -15.42 -7.66
N ASP B 183 -31.61 -16.57 -7.61
CA ASP B 183 -31.50 -17.35 -6.38
C ASP B 183 -30.38 -16.87 -5.45
N ASP B 184 -29.36 -16.23 -6.00
CA ASP B 184 -28.19 -15.82 -5.23
C ASP B 184 -28.40 -14.47 -4.53
N VAL B 185 -27.88 -14.35 -3.31
CA VAL B 185 -27.78 -13.04 -2.67
C VAL B 185 -26.58 -12.29 -3.28
N LEU B 186 -26.80 -11.04 -3.68
CA LEU B 186 -25.79 -10.28 -4.42
C LEU B 186 -25.15 -9.17 -3.58
N PHE B 187 -23.83 -9.28 -3.41
CA PHE B 187 -23.04 -8.24 -2.75
C PHE B 187 -22.54 -7.24 -3.79
N LEU B 188 -22.68 -5.96 -3.48
CA LEU B 188 -22.33 -4.90 -4.42
C LEU B 188 -21.28 -3.96 -3.84
N ASN B 189 -20.27 -3.67 -4.66
CA ASN B 189 -19.34 -2.59 -4.42
C ASN B 189 -19.31 -1.76 -5.68
N MET B 190 -19.81 -0.54 -5.60
CA MET B 190 -19.87 0.35 -6.76
C MET B 190 -18.63 1.23 -6.91
N ASN B 191 -17.70 1.12 -5.96
CA ASN B 191 -16.47 1.91 -5.98
C ASN B 191 -15.58 1.55 -7.17
N ARG B 192 -14.88 2.56 -7.69
CA ARG B 192 -13.94 2.38 -8.79
C ARG B 192 -12.66 1.66 -8.32
N ASN B 193 -12.02 0.93 -9.23
CA ASN B 193 -10.81 0.16 -8.91
C ASN B 193 -9.56 1.04 -8.79
N THR B 194 -9.43 1.68 -7.64
CA THR B 194 -8.24 2.46 -7.30
C THR B 194 -7.72 1.97 -5.97
N ALA B 195 -6.47 2.31 -5.67
CA ALA B 195 -5.82 1.86 -4.44
C ALA B 195 -6.59 2.22 -3.16
N ARG B 196 -7.16 3.42 -3.13
CA ARG B 196 -7.86 3.92 -1.95
C ARG B 196 -9.04 3.03 -1.61
N LYS B 197 -9.68 2.48 -2.64
CA LYS B 197 -10.91 1.74 -2.45
C LYS B 197 -10.73 0.26 -2.15
N ARG B 198 -9.49 -0.21 -2.28
CA ARG B 198 -9.08 -1.51 -1.74
C ARG B 198 -9.96 -2.69 -2.18
N LEU B 199 -10.20 -2.78 -3.49
CA LEU B 199 -10.99 -3.87 -4.05
C LEU B 199 -10.23 -5.21 -3.99
N ASP B 200 -8.94 -5.13 -3.72
CA ASP B 200 -8.10 -6.30 -3.51
C ASP B 200 -8.53 -7.03 -2.25
N ILE B 201 -8.89 -6.29 -1.21
CA ILE B 201 -9.43 -6.87 0.02
C ILE B 201 -10.84 -7.44 -0.22
N TYR B 202 -11.65 -6.71 -0.97
CA TYR B 202 -13.01 -7.15 -1.31
C TYR B 202 -12.99 -8.48 -2.03
N VAL B 203 -12.23 -8.54 -3.12
CA VAL B 203 -12.13 -9.73 -3.94
C VAL B 203 -11.41 -10.84 -3.18
N LEU B 204 -10.51 -10.45 -2.28
CA LEU B 204 -9.77 -11.40 -1.45
C LEU B 204 -10.72 -12.08 -0.47
N ALA B 205 -11.57 -11.28 0.17
CA ALA B 205 -12.55 -11.76 1.15
C ALA B 205 -13.62 -12.60 0.48
N ALA B 206 -14.01 -12.22 -0.74
CA ALA B 206 -14.97 -12.98 -1.51
C ALA B 206 -14.47 -14.40 -1.74
N ALA B 207 -13.19 -14.53 -2.06
CA ALA B 207 -12.58 -15.84 -2.30
C ALA B 207 -12.48 -16.68 -1.02
N ARG B 208 -12.15 -16.05 0.10
CA ARG B 208 -12.10 -16.74 1.39
C ARG B 208 -13.47 -17.29 1.75
N PHE B 209 -14.48 -16.42 1.68
CA PHE B 209 -15.87 -16.78 1.96
C PHE B 209 -16.34 -17.94 1.09
N ILE B 210 -16.12 -17.81 -0.23
CA ILE B 210 -16.49 -18.85 -1.19
C ILE B 210 -15.76 -20.16 -0.93
N SER B 211 -14.52 -20.09 -0.47
CA SER B 211 -13.74 -21.30 -0.22
C SER B 211 -14.24 -22.06 1.00
N LYS B 212 -14.65 -21.32 2.03
CA LYS B 212 -15.18 -21.96 3.23
C LYS B 212 -16.68 -22.24 3.15
N TYR B 213 -17.37 -21.58 2.22
CA TYR B 213 -18.77 -21.89 1.92
C TYR B 213 -18.98 -22.13 0.43
N PRO B 214 -18.37 -23.21 -0.12
CA PRO B 214 -18.33 -23.39 -1.57
C PRO B 214 -19.70 -23.54 -2.25
N ASP B 215 -20.76 -23.70 -1.47
CA ASP B 215 -22.09 -23.96 -2.02
C ASP B 215 -23.13 -22.87 -1.76
N ALA B 216 -22.70 -21.77 -1.15
CA ALA B 216 -23.59 -20.64 -0.88
C ALA B 216 -23.97 -19.96 -2.19
N LYS B 217 -25.28 -19.85 -2.45
CA LYS B 217 -25.77 -19.13 -3.62
C LYS B 217 -25.52 -17.64 -3.41
N VAL B 218 -24.37 -17.19 -3.90
CA VAL B 218 -23.90 -15.83 -3.66
C VAL B 218 -23.09 -15.36 -4.86
N ARG B 219 -23.18 -14.06 -5.17
CA ARG B 219 -22.33 -13.44 -6.18
C ARG B 219 -21.75 -12.16 -5.62
N PHE B 220 -20.54 -11.83 -6.08
CA PHE B 220 -19.87 -10.60 -5.64
C PHE B 220 -19.61 -9.70 -6.83
N LEU B 221 -20.28 -8.54 -6.83
CA LEU B 221 -20.16 -7.60 -7.95
C LEU B 221 -19.20 -6.47 -7.62
N CYS B 222 -18.49 -6.01 -8.64
CA CYS B 222 -17.55 -4.90 -8.53
C CYS B 222 -17.18 -4.36 -9.91
N ASN B 223 -16.55 -3.20 -9.93
CA ASN B 223 -16.19 -2.53 -11.18
C ASN B 223 -14.69 -2.46 -11.36
N SER B 224 -14.26 -2.27 -12.60
CA SER B 224 -12.84 -2.16 -12.94
C SER B 224 -12.68 -1.69 -14.39
N HIS B 225 -11.90 -0.64 -14.60
CA HIS B 225 -11.61 -0.16 -15.95
C HIS B 225 -10.34 -0.82 -16.51
N HIS B 226 -10.09 -0.59 -17.80
CA HIS B 226 -8.98 -1.21 -18.54
C HIS B 226 -7.63 -1.17 -17.81
N GLU B 227 -7.07 -2.36 -17.61
CA GLU B 227 -5.72 -2.56 -17.05
C GLU B 227 -5.33 -1.64 -15.88
N SER B 228 -6.26 -1.47 -14.94
CA SER B 228 -5.95 -0.77 -13.69
C SER B 228 -5.11 -1.67 -12.78
N LYS B 229 -4.55 -1.07 -11.73
CA LYS B 229 -3.50 -1.70 -10.94
C LYS B 229 -3.83 -3.12 -10.45
N PHE B 230 -5.02 -3.30 -9.87
CA PHE B 230 -5.45 -4.65 -9.45
C PHE B 230 -6.21 -5.39 -10.56
N ASP B 231 -5.74 -6.60 -10.85
CA ASP B 231 -6.45 -7.54 -11.71
C ASP B 231 -7.28 -8.43 -10.80
N LEU B 232 -8.55 -8.09 -10.64
CA LEU B 232 -9.38 -8.67 -9.60
C LEU B 232 -9.61 -10.18 -9.70
N HIS B 233 -9.90 -10.69 -10.89
CA HIS B 233 -10.01 -12.14 -11.06
C HIS B 233 -8.71 -12.87 -10.77
N SER B 234 -7.59 -12.24 -11.10
CA SER B 234 -6.25 -12.80 -10.84
C SER B 234 -5.97 -12.94 -9.33
N ILE B 235 -6.34 -11.91 -8.57
CA ILE B 235 -6.21 -11.91 -7.12
C ILE B 235 -7.08 -13.01 -6.48
N ALA B 236 -8.33 -13.11 -6.94
CA ALA B 236 -9.26 -14.14 -6.47
C ALA B 236 -8.84 -15.55 -6.84
N LEU B 237 -8.32 -15.72 -8.06
CA LEU B 237 -7.88 -17.04 -8.52
C LEU B 237 -6.80 -17.57 -7.59
N ARG B 238 -5.87 -16.70 -7.19
CA ARG B 238 -4.70 -17.10 -6.43
C ARG B 238 -5.03 -17.48 -5.00
N GLU B 239 -6.07 -16.87 -4.44
CA GLU B 239 -6.49 -17.14 -3.07
C GLU B 239 -7.41 -18.37 -3.01
N LEU B 240 -8.07 -18.68 -4.13
CA LEU B 240 -8.88 -19.90 -4.22
C LEU B 240 -8.01 -21.13 -4.39
N VAL B 241 -6.91 -20.97 -5.10
CA VAL B 241 -5.92 -22.04 -5.30
C VAL B 241 -5.20 -22.34 -4.00
N ALA B 242 -4.89 -21.29 -3.24
CA ALA B 242 -4.25 -21.43 -1.95
C ALA B 242 -5.16 -22.08 -0.90
N SER B 243 -6.48 -21.94 -1.07
CA SER B 243 -7.44 -22.45 -0.09
C SER B 243 -7.68 -23.96 -0.18
N GLY B 244 -7.30 -24.57 -1.30
CA GLY B 244 -7.45 -26.01 -1.46
C GLY B 244 -8.79 -26.44 -2.07
N VAL B 245 -9.70 -25.49 -2.24
CA VAL B 245 -11.03 -25.76 -2.78
C VAL B 245 -11.01 -26.30 -4.22
N ASP B 246 -11.93 -27.22 -4.50
CA ASP B 246 -12.17 -27.74 -5.86
C ASP B 246 -13.07 -26.79 -6.65
N ASN B 247 -13.10 -26.97 -7.97
CA ASN B 247 -13.91 -26.16 -8.88
C ASN B 247 -13.57 -24.66 -8.78
N VAL B 248 -12.27 -24.39 -8.79
CA VAL B 248 -11.73 -23.03 -8.67
C VAL B 248 -12.38 -22.09 -9.70
N PHE B 249 -12.51 -22.54 -10.94
CA PHE B 249 -13.00 -21.67 -12.00
C PHE B 249 -14.46 -21.26 -11.83
N THR B 250 -15.34 -22.22 -11.57
CA THR B 250 -16.74 -21.89 -11.31
C THR B 250 -16.92 -21.01 -10.07
N HIS B 251 -16.09 -21.25 -9.05
CA HIS B 251 -16.09 -20.41 -7.85
C HIS B 251 -15.62 -18.99 -8.16
N LEU B 252 -14.57 -18.89 -8.97
CA LEU B 252 -14.02 -17.61 -9.40
C LEU B 252 -15.05 -16.78 -10.17
N ASN B 253 -15.88 -17.46 -10.96
CA ASN B 253 -16.93 -16.81 -11.75
C ASN B 253 -18.01 -16.12 -10.90
N LYS B 254 -17.99 -16.39 -9.59
CA LYS B 254 -18.95 -15.81 -8.67
C LYS B 254 -18.64 -14.33 -8.42
N ILE B 255 -17.40 -13.94 -8.68
CA ILE B 255 -17.03 -12.54 -8.72
C ILE B 255 -17.33 -12.00 -10.12
N MET B 256 -18.27 -11.06 -10.19
CA MET B 256 -18.68 -10.47 -11.46
C MET B 256 -18.17 -9.04 -11.60
N ILE B 257 -17.35 -8.82 -12.62
CA ILE B 257 -16.67 -7.54 -12.83
C ILE B 257 -17.23 -6.79 -14.03
N ASN B 258 -17.79 -5.61 -13.75
CA ASN B 258 -18.25 -4.69 -14.79
C ASN B 258 -17.10 -3.83 -15.29
N ARG B 259 -16.91 -3.80 -16.61
CA ARG B 259 -15.81 -3.05 -17.22
C ARG B 259 -16.25 -1.80 -17.96
N THR B 260 -17.50 -1.81 -18.43
CA THR B 260 -18.05 -0.66 -19.14
C THR B 260 -18.48 0.43 -18.15
N VAL B 261 -18.45 1.68 -18.61
CA VAL B 261 -18.94 2.81 -17.80
C VAL B 261 -20.46 2.97 -18.00
N LEU B 262 -21.19 3.02 -16.89
CA LEU B 262 -22.65 3.01 -16.93
C LEU B 262 -23.26 4.40 -17.01
N THR B 263 -24.53 4.45 -17.41
CA THR B 263 -25.33 5.66 -17.30
C THR B 263 -25.77 5.83 -15.85
N ASP B 264 -26.24 7.02 -15.50
CA ASP B 264 -26.63 7.35 -14.13
C ASP B 264 -27.73 6.42 -13.60
N GLU B 265 -28.63 5.98 -14.47
CA GLU B 265 -29.75 5.12 -14.08
C GLU B 265 -29.43 3.62 -14.08
N ARG B 266 -28.44 3.21 -14.87
CA ARG B 266 -27.94 1.84 -14.79
C ARG B 266 -27.30 1.63 -13.43
N VAL B 267 -26.64 2.68 -12.92
CA VAL B 267 -26.10 2.71 -11.58
C VAL B 267 -27.23 2.54 -10.54
N ASP B 268 -28.35 3.23 -10.77
CA ASP B 268 -29.53 3.11 -9.91
C ASP B 268 -30.17 1.73 -10.00
N MET B 269 -30.23 1.19 -11.20
CA MET B 269 -30.73 -0.17 -11.43
C MET B 269 -29.85 -1.19 -10.71
N MET B 270 -28.54 -0.96 -10.75
CA MET B 270 -27.56 -1.80 -10.07
C MET B 270 -27.75 -1.82 -8.57
N TYR B 271 -28.04 -0.64 -8.00
CA TYR B 271 -28.29 -0.51 -6.56
C TYR B 271 -29.56 -1.25 -6.12
N ASN B 272 -30.61 -1.16 -6.92
CA ASN B 272 -31.88 -1.84 -6.62
C ASN B 272 -31.80 -3.35 -6.78
N ALA B 273 -30.99 -3.79 -7.74
CA ALA B 273 -30.89 -5.21 -8.10
C ALA B 273 -30.21 -6.07 -7.03
N CYS B 274 -29.41 -5.45 -6.18
CA CYS B 274 -28.56 -6.20 -5.26
C CYS B 274 -29.11 -6.27 -3.85
N ASP B 275 -28.45 -7.04 -3.00
CA ASP B 275 -28.95 -7.36 -1.66
C ASP B 275 -28.09 -6.74 -0.56
N VAL B 276 -26.78 -6.65 -0.79
CA VAL B 276 -25.87 -6.02 0.17
C VAL B 276 -24.95 -5.04 -0.54
N ILE B 277 -24.77 -3.86 0.05
CA ILE B 277 -23.84 -2.86 -0.47
C ILE B 277 -22.59 -2.83 0.40
N VAL B 278 -21.42 -2.87 -0.24
CA VAL B 278 -20.13 -3.01 0.44
C VAL B 278 -19.18 -1.88 0.08
N ASN B 279 -18.47 -1.38 1.09
CA ASN B 279 -17.36 -0.46 0.89
C ASN B 279 -16.28 -0.71 1.93
N CYS B 280 -15.10 -1.12 1.46
CA CYS B 280 -14.00 -1.46 2.36
C CYS B 280 -12.78 -0.62 2.07
N SER B 281 -13.00 0.63 1.65
CA SER B 281 -11.92 1.52 1.27
C SER B 281 -11.09 1.96 2.47
N SER B 282 -9.91 2.50 2.20
CA SER B 282 -9.01 2.95 3.28
C SER B 282 -9.23 4.42 3.63
N GLY B 283 -9.78 5.18 2.69
CA GLY B 283 -10.02 6.61 2.89
C GLY B 283 -11.37 7.04 2.35
N GLU B 284 -12.11 7.82 3.14
CA GLU B 284 -13.39 8.37 2.72
C GLU B 284 -13.61 9.77 3.26
N GLY B 285 -13.86 10.70 2.36
CA GLY B 285 -14.26 12.05 2.74
C GLY B 285 -15.69 12.04 3.20
N PHE B 286 -16.50 11.24 2.52
CA PHE B 286 -17.92 11.08 2.82
C PHE B 286 -18.34 9.64 2.55
N GLY B 287 -18.17 9.20 1.31
CA GLY B 287 -18.56 7.84 0.91
C GLY B 287 -19.95 7.79 0.32
N LEU B 288 -20.08 8.26 -0.92
CA LEU B 288 -21.36 8.27 -1.63
C LEU B 288 -21.82 6.87 -2.00
N CYS B 289 -20.88 6.01 -2.39
CA CYS B 289 -21.18 4.62 -2.74
C CYS B 289 -21.41 3.76 -1.49
N SER B 290 -22.49 4.07 -0.78
CA SER B 290 -22.90 3.38 0.44
C SER B 290 -24.17 4.04 0.95
N ALA B 291 -24.13 5.37 1.04
CA ALA B 291 -25.31 6.17 1.37
C ALA B 291 -26.38 6.00 0.29
N GLU B 292 -25.94 5.82 -0.95
CA GLU B 292 -26.84 5.64 -2.08
C GLU B 292 -27.66 4.35 -1.99
N GLY B 293 -27.14 3.37 -1.25
CA GLY B 293 -27.86 2.11 -1.03
C GLY B 293 -28.68 2.11 0.24
N ALA B 294 -28.38 3.04 1.15
CA ALA B 294 -29.08 3.16 2.42
C ALA B 294 -30.51 3.65 2.27
N VAL B 295 -30.75 4.49 1.27
CA VAL B 295 -32.10 5.00 0.99
C VAL B 295 -33.02 3.93 0.42
N LEU B 296 -32.43 2.92 -0.21
CA LEU B 296 -33.18 1.82 -0.80
C LEU B 296 -33.53 0.72 0.20
N GLY B 297 -32.94 0.79 1.39
CA GLY B 297 -33.17 -0.21 2.43
C GLY B 297 -32.32 -1.46 2.23
N LYS B 298 -31.11 -1.26 1.72
CA LYS B 298 -30.14 -2.33 1.58
C LYS B 298 -29.23 -2.30 2.80
N PRO B 299 -28.95 -3.47 3.40
CA PRO B 299 -27.98 -3.54 4.50
C PRO B 299 -26.58 -3.14 4.04
N LEU B 300 -25.75 -2.66 4.97
CA LEU B 300 -24.46 -2.06 4.62
C LEU B 300 -23.27 -2.60 5.39
N ILE B 301 -22.21 -2.92 4.66
CA ILE B 301 -20.92 -3.22 5.25
C ILE B 301 -19.97 -2.11 4.81
N ILE B 302 -19.49 -1.33 5.78
CA ILE B 302 -18.54 -0.26 5.47
C ILE B 302 -17.31 -0.33 6.37
N SER B 303 -16.20 0.14 5.83
CA SER B 303 -15.00 0.39 6.62
C SER B 303 -15.23 1.68 7.40
N ALA B 304 -14.92 1.65 8.70
CA ALA B 304 -15.14 2.79 9.58
C ALA B 304 -14.03 3.82 9.42
N VAL B 305 -13.98 4.45 8.25
CA VAL B 305 -12.98 5.46 7.92
C VAL B 305 -13.61 6.81 7.61
N GLY B 306 -12.87 7.88 7.88
CA GLY B 306 -13.26 9.25 7.54
C GLY B 306 -14.72 9.59 7.72
N GLY B 307 -15.32 10.15 6.66
CA GLY B 307 -16.71 10.61 6.68
C GLY B 307 -17.75 9.52 6.87
N ALA B 308 -17.49 8.34 6.33
CA ALA B 308 -18.38 7.19 6.46
C ALA B 308 -18.67 6.85 7.93
N ASP B 309 -17.64 6.94 8.76
CA ASP B 309 -17.74 6.62 10.20
C ASP B 309 -18.64 7.60 10.96
N ASP B 310 -18.56 8.89 10.61
CA ASP B 310 -19.37 9.94 11.27
C ASP B 310 -20.83 9.90 10.81
N TYR B 311 -21.01 9.71 9.51
CA TYR B 311 -22.33 9.72 8.87
C TYR B 311 -23.21 8.58 9.36
N PHE B 312 -22.60 7.41 9.57
CA PHE B 312 -23.37 6.21 9.89
C PHE B 312 -23.32 5.77 11.34
N SER B 313 -24.45 5.17 11.75
CA SER B 313 -24.54 4.22 12.88
C SER B 313 -25.21 4.70 14.16
N GLY B 314 -26.42 4.21 14.34
CA GLY B 314 -27.00 3.99 15.65
C GLY B 314 -27.05 2.48 15.76
N ASP B 315 -25.92 1.85 15.42
CA ASP B 315 -25.80 0.42 15.23
C ASP B 315 -26.77 -0.08 14.14
N CYS B 316 -26.81 0.67 13.04
CA CYS B 316 -27.69 0.38 11.91
C CYS B 316 -26.91 -0.21 10.73
N VAL B 317 -25.59 -0.21 10.85
CA VAL B 317 -24.70 -0.65 9.78
C VAL B 317 -23.65 -1.61 10.33
N TYR B 318 -23.11 -2.46 9.47
CA TYR B 318 -21.94 -3.27 9.83
C TYR B 318 -20.67 -2.45 9.60
N LYS B 319 -20.08 -1.97 10.69
CA LYS B 319 -18.86 -1.17 10.65
C LYS B 319 -17.65 -2.03 11.00
N ILE B 320 -16.65 -2.01 10.13
CA ILE B 320 -15.40 -2.69 10.38
C ILE B 320 -14.31 -1.66 10.64
N LYS B 321 -13.72 -1.72 11.83
CA LYS B 321 -12.63 -0.82 12.20
C LYS B 321 -11.34 -1.23 11.48
N PRO B 322 -10.56 -0.23 11.01
CA PRO B 322 -9.23 -0.49 10.44
C PRO B 322 -8.34 -1.22 11.42
N SER B 323 -7.64 -2.24 10.93
CA SER B 323 -6.79 -3.09 11.75
C SER B 323 -5.34 -2.65 11.73
N ALA B 324 -4.94 -1.96 10.67
CA ALA B 324 -3.57 -1.48 10.54
C ALA B 324 -3.54 -0.13 9.82
N TRP B 325 -2.42 0.57 9.92
CA TRP B 325 -2.27 1.86 9.27
C TRP B 325 -0.98 1.92 8.46
N ILE B 326 -1.08 2.41 7.23
CA ILE B 326 0.07 2.60 6.35
C ILE B 326 0.10 4.01 5.78
N SER B 327 1.23 4.37 5.18
CA SER B 327 1.38 5.64 4.49
C SER B 327 0.91 5.54 3.05
N VAL B 328 0.22 6.57 2.62
CA VAL B 328 -0.38 6.64 1.31
C VAL B 328 0.42 7.61 0.45
N ASP B 329 1.55 8.08 0.98
CA ASP B 329 2.34 9.12 0.32
C ASP B 329 2.78 8.77 -1.12
N ASP B 330 2.93 7.48 -1.39
CA ASP B 330 3.29 7.01 -2.72
C ASP B 330 2.13 7.01 -3.73
N ARG B 331 0.90 7.17 -3.23
CA ARG B 331 -0.30 7.16 -4.07
C ARG B 331 -0.37 8.37 -5.02
N ASP B 332 -0.36 9.58 -4.45
CA ASP B 332 -0.44 10.83 -5.21
C ASP B 332 0.32 11.95 -4.48
N GLY B 333 0.13 13.18 -4.93
CA GLY B 333 0.78 14.34 -4.33
C GLY B 333 0.17 14.78 -3.01
N ILE B 334 -1.04 14.32 -2.72
CA ILE B 334 -1.72 14.62 -1.47
C ILE B 334 -1.09 13.90 -0.28
N GLY B 335 -0.87 12.60 -0.43
CA GLY B 335 -0.25 11.79 0.61
C GLY B 335 -1.08 11.65 1.87
N GLY B 336 -0.45 11.10 2.92
CA GLY B 336 -1.10 10.95 4.22
C GLY B 336 -1.06 9.54 4.75
N ILE B 337 -1.88 9.26 5.76
CA ILE B 337 -2.04 7.90 6.28
C ILE B 337 -3.49 7.44 6.23
N GLU B 338 -3.68 6.16 5.92
CA GLU B 338 -5.02 5.58 5.85
C GLU B 338 -5.09 4.25 6.61
N GLY B 339 -6.32 3.87 6.98
CA GLY B 339 -6.55 2.67 7.76
C GLY B 339 -7.00 1.50 6.89
N ILE B 340 -6.32 0.37 7.06
CA ILE B 340 -6.63 -0.84 6.30
C ILE B 340 -7.40 -1.80 7.20
N ILE B 341 -8.53 -2.31 6.70
CA ILE B 341 -9.30 -3.31 7.42
C ILE B 341 -8.74 -4.71 7.19
N ASP B 342 -9.01 -5.60 8.15
CA ASP B 342 -8.61 -6.99 8.06
C ASP B 342 -9.58 -7.74 7.16
N VAL B 343 -9.04 -8.44 6.17
CA VAL B 343 -9.81 -9.21 5.20
C VAL B 343 -10.75 -10.21 5.87
N ASP B 344 -10.28 -10.86 6.94
CA ASP B 344 -11.07 -11.86 7.66
C ASP B 344 -12.27 -11.22 8.35
N ASP B 345 -12.12 -9.97 8.76
CA ASP B 345 -13.24 -9.18 9.29
C ASP B 345 -14.34 -9.01 8.23
N LEU B 346 -13.93 -8.82 6.98
CA LEU B 346 -14.87 -8.70 5.87
C LEU B 346 -15.56 -10.05 5.62
N VAL B 347 -14.84 -11.15 5.83
CA VAL B 347 -15.46 -12.47 5.73
C VAL B 347 -16.52 -12.65 6.80
N GLU B 348 -16.23 -12.29 8.06
CA GLU B 348 -17.24 -12.32 9.14
C GLU B 348 -18.47 -11.52 8.76
N ALA B 349 -18.24 -10.35 8.18
CA ALA B 349 -19.31 -9.45 7.74
C ALA B 349 -20.18 -10.06 6.65
N PHE B 350 -19.56 -10.79 5.72
CA PHE B 350 -20.29 -11.49 4.67
C PHE B 350 -21.21 -12.58 5.24
N THR B 351 -20.68 -13.45 6.09
CA THR B 351 -21.44 -14.58 6.61
C THR B 351 -22.61 -14.10 7.46
N PHE B 352 -22.45 -12.91 8.03
CA PHE B 352 -23.50 -12.24 8.77
C PHE B 352 -24.68 -11.92 7.87
N PHE B 353 -24.40 -11.47 6.66
CA PHE B 353 -25.44 -11.01 5.74
C PHE B 353 -25.91 -12.02 4.69
N LYS B 354 -25.41 -13.26 4.77
CA LYS B 354 -25.98 -14.32 3.94
C LYS B 354 -27.26 -14.86 4.57
N ASP B 355 -27.47 -14.47 5.83
CA ASP B 355 -28.68 -14.73 6.59
C ASP B 355 -29.70 -13.64 6.22
N GLU B 356 -30.83 -14.02 5.65
CA GLU B 356 -31.80 -13.03 5.15
C GLU B 356 -32.51 -12.26 6.28
N LYS B 357 -32.60 -12.90 7.44
CA LYS B 357 -33.13 -12.28 8.66
C LYS B 357 -32.30 -11.04 9.02
N ASN B 358 -30.99 -11.11 8.82
CA ASN B 358 -30.10 -9.99 9.09
C ASN B 358 -30.20 -8.86 8.06
N ARG B 359 -30.28 -9.22 6.78
CA ARG B 359 -30.45 -8.25 5.70
C ARG B 359 -31.72 -7.43 5.85
N LYS B 360 -32.79 -8.09 6.31
CA LYS B 360 -34.09 -7.47 6.52
C LYS B 360 -34.03 -6.46 7.67
N GLU B 361 -33.35 -6.83 8.74
CA GLU B 361 -33.28 -6.03 9.97
C GLU B 361 -32.45 -4.75 9.82
N TYR B 362 -31.26 -4.88 9.25
CA TYR B 362 -30.34 -3.76 9.08
C TYR B 362 -30.71 -2.86 7.91
N GLY B 363 -31.32 -3.45 6.89
CA GLY B 363 -31.87 -2.70 5.75
C GLY B 363 -33.04 -1.81 6.17
N LYS B 364 -33.79 -2.26 7.15
CA LYS B 364 -34.87 -1.46 7.74
C LYS B 364 -34.28 -0.36 8.62
N ARG B 365 -33.17 -0.66 9.29
CA ARG B 365 -32.51 0.30 10.17
C ARG B 365 -31.90 1.48 9.40
N VAL B 366 -31.12 1.18 8.36
CA VAL B 366 -30.42 2.20 7.58
C VAL B 366 -31.36 3.20 6.91
N GLN B 367 -32.50 2.71 6.42
CA GLN B 367 -33.49 3.53 5.73
C GLN B 367 -34.15 4.48 6.72
N ASP B 368 -34.54 3.94 7.88
CA ASP B 368 -35.16 4.72 8.95
C ASP B 368 -34.19 5.74 9.54
N PHE B 369 -32.90 5.45 9.44
CA PHE B 369 -31.85 6.34 9.92
C PHE B 369 -31.59 7.48 8.94
N VAL B 370 -31.41 7.14 7.67
CA VAL B 370 -31.11 8.12 6.61
C VAL B 370 -32.31 9.02 6.31
N LYS B 371 -33.50 8.63 6.78
CA LYS B 371 -34.69 9.48 6.73
C LYS B 371 -34.46 10.81 7.48
N THR B 372 -33.82 10.72 8.65
CA THR B 372 -33.56 11.88 9.50
C THR B 372 -32.50 12.82 8.94
N LYS B 373 -31.61 12.28 8.11
CA LYS B 373 -30.48 13.02 7.52
C LYS B 373 -30.91 14.28 6.76
N PRO B 374 -30.08 15.35 6.83
CA PRO B 374 -30.38 16.62 6.17
C PRO B 374 -30.40 16.50 4.64
N THR B 375 -31.43 17.08 4.03
CA THR B 375 -31.55 17.15 2.57
C THR B 375 -30.69 18.28 2.00
N TRP B 376 -30.64 18.38 0.67
CA TRP B 376 -29.92 19.47 0.01
C TRP B 376 -30.46 20.86 0.36
N ASP B 377 -31.76 20.93 0.62
CA ASP B 377 -32.38 22.17 1.10
C ASP B 377 -31.95 22.53 2.52
N ASP B 378 -31.77 21.51 3.35
CA ASP B 378 -31.29 21.70 4.72
C ASP B 378 -29.82 22.09 4.73
N ILE B 379 -29.05 21.43 3.86
CA ILE B 379 -27.61 21.66 3.74
C ILE B 379 -27.33 23.05 3.16
N SER B 380 -27.95 23.38 2.04
CA SER B 380 -27.76 24.69 1.38
C SER B 380 -28.18 25.87 2.25
N SER B 381 -29.18 25.65 3.10
CA SER B 381 -29.62 26.66 4.06
C SER B 381 -28.62 26.82 5.20
N ASP B 382 -27.85 25.76 5.48
CA ASP B 382 -26.78 25.82 6.46
C ASP B 382 -25.55 26.53 5.86
N ILE B 383 -25.36 26.36 4.56
CA ILE B 383 -24.28 27.04 3.83
C ILE B 383 -24.39 28.56 3.93
N ILE B 384 -25.60 29.08 3.68
CA ILE B 384 -25.85 30.52 3.71
C ILE B 384 -25.86 31.08 5.13
N ASP B 385 -26.26 30.25 6.11
CA ASP B 385 -26.26 30.63 7.52
C ASP B 385 -24.84 30.88 8.02
N PHE B 386 -23.90 30.11 7.50
CA PHE B 386 -22.48 30.27 7.79
C PHE B 386 -21.91 31.53 7.12
N PHE B 387 -22.41 31.83 5.91
CA PHE B 387 -21.97 33.01 5.17
C PHE B 387 -22.39 34.32 5.82
N ASN B 388 -23.61 34.35 6.34
CA ASN B 388 -24.17 35.53 7.01
C ASN B 388 -23.47 35.86 8.33
N SER B 389 -22.96 34.83 9.01
CA SER B 389 -22.27 35.00 10.28
C SER B 389 -20.86 35.58 10.12
N LEU B 390 -20.33 35.49 8.90
CA LEU B 390 -18.99 36.00 8.59
C LEU B 390 -18.98 37.45 8.07
N LEU B 391 -20.16 37.99 7.76
CA LEU B 391 -20.26 39.40 7.35
C LEU B 391 -20.64 40.33 8.49
N ARG B 392 -21.66 39.93 9.27
CA ARG B 392 -22.11 40.70 10.42
C ARG B 392 -22.75 39.77 11.45
N2 GDD C . 27.36 -4.30 1.75
C2 GDD C . 26.20 -3.86 2.25
N1 GDD C . 26.00 -2.48 2.41
N3 GDD C . 25.25 -4.74 2.61
C4 GDD C . 24.07 -4.32 3.12
C5 GDD C . 23.81 -2.96 3.30
C6 GDD C . 24.78 -2.03 2.94
O6 GDD C . 24.58 -0.82 3.08
N7 GDD C . 22.59 -2.86 3.81
C8 GDD C . 22.09 -4.09 3.96
N9 GDD C . 22.99 -4.99 3.54
C1' GDD C . 22.83 -6.48 3.53
C2' GDD C . 22.53 -7.02 4.94
O2' GDD C . 23.76 -7.25 5.63
C3' GDD C . 21.78 -8.33 4.64
O3' GDD C . 22.58 -9.46 5.00
C4' GDD C . 21.58 -8.31 3.13
O4' GDD C . 21.68 -6.90 2.78
C5' GDD C . 20.23 -8.94 2.69
O5' GDD C . 19.05 -8.22 3.10
PA GDD C . 17.64 -9.02 3.43
O1A GDD C . 17.23 -8.80 4.82
O2A GDD C . 17.89 -10.58 3.15
O3A GDD C . 16.49 -8.52 2.36
PB GDD C . 16.58 -8.73 0.75
O2B GDD C . 16.46 -7.24 0.13
O3B GDD C . 17.84 -9.39 0.33
O1B GDD C . 15.22 -9.50 0.30
C11 GDD C . 15.11 -10.92 -0.07
O51 GDD C . 16.36 -11.63 -0.37
C51 GDD C . 16.95 -12.60 0.58
C61 GDD C . 17.35 -13.84 -0.24
O6A GDD C . 18.61 -14.34 0.20
C21 GDD C . 14.23 -11.62 0.99
O21 GDD C . 13.61 -12.76 0.41
C31 GDD C . 15.07 -12.03 2.20
O31 GDD C . 14.22 -12.54 3.22
C41 GDD C . 16.12 -13.07 1.80
O41 GDD C . 16.96 -13.33 2.92
N2 GDD D . -22.89 7.53 -14.22
C2 GDD D . -22.06 6.71 -13.59
N1 GDD D . -21.53 5.60 -14.26
N3 GDD D . -21.74 6.95 -12.30
C4 GDD D . -20.90 6.14 -11.62
C5 GDD D . -20.34 5.02 -12.24
C6 GDD D . -20.66 4.74 -13.58
O6 GDD D . -20.16 3.76 -14.15
N7 GDD D . -19.58 4.42 -11.34
C8 GDD D . -19.63 5.12 -10.20
N9 GDD D . -20.45 6.16 -10.37
C1' GDD D . -20.80 7.20 -9.36
C2' GDD D . -21.14 6.60 -8.00
O2' GDD D . -22.54 6.25 -7.96
C3' GDD D . -20.86 7.76 -7.05
O3' GDD D . -22.03 8.54 -6.80
C4' GDD D . -19.85 8.64 -7.83
O4' GDD D . -19.61 7.96 -9.08
C5' GDD D . -18.50 8.80 -7.09
O5' GDD D . -18.62 8.72 -5.66
PA GDD D . -17.30 8.41 -4.76
O1A GDD D . -16.63 7.17 -5.20
O2A GDD D . -17.82 8.30 -3.22
O3A GDD D . -16.38 9.73 -4.87
PB GDD D . -14.77 9.61 -4.97
O2B GDD D . -14.38 8.57 -3.80
O3B GDD D . -14.35 9.12 -6.30
O1B GDD D . -14.09 11.05 -4.56
C11 GDD D . -14.61 11.95 -3.51
O51 GDD D . -16.03 12.22 -3.75
C51 GDD D . -16.94 12.44 -2.60
C61 GDD D . -16.98 13.95 -2.25
O6A GDD D . -17.58 14.69 -3.32
C21 GDD D . -14.24 11.43 -2.09
O21 GDD D . -13.82 12.52 -1.27
C31 GDD D . -15.42 10.71 -1.43
O31 GDD D . -15.04 10.28 -0.11
C41 GDD D . -16.68 11.60 -1.32
O41 GDD D . -17.82 10.76 -1.07
#